data_4CXM
#
_entry.id   4CXM
#
_cell.length_a   197.900
_cell.length_b   134.400
_cell.length_c   48.300
_cell.angle_alpha   90.00
_cell.angle_beta   95.50
_cell.angle_gamma   90.00
#
_symmetry.space_group_name_H-M   'C 1 2 1'
#
loop_
_entity.id
_entity.type
_entity.pdbx_description
1 polymer 'SPERMIDINE SYNTHASE'
2 non-polymer "5'-DEOXY-5'-METHYLTHIOADENOSINE"
3 non-polymer SPERMIDINE
4 water water
#
_entity_poly.entity_id   1
_entity_poly.type   'polypeptide(L)'
_entity_poly.pdbx_seq_one_letter_code
;GSKKWFSEFSIMWPGQAFSLKIKKILYETKSKYQNVLVFESTTYGKVLVLDGVIQLTEKDEFAYHEMMTHVPMTVSKEPK
NVLVVGGGDGGIIRELCKYKSVENIDICEIDETVIEVSKIYFKNISCGYEDKRVNVFIEDASKFLENVTNTYDVIIVDSS
DPIGPAETLFNQNFYEKIYNALKPNGYCVAQCESLWIHVGTIKNMIGYAKKLFKKVEYANISIPTYPCGCIGILCCSKTD
TGLTKPNKKLESKEFADLKYYNYENHSAAFKLPAFLLKEIENI
;
_entity_poly.pdbx_strand_id   A,B,C
#
# COMPACT_ATOMS: atom_id res chain seq x y z
N LYS A 3 -14.38 25.36 16.38
CA LYS A 3 -14.12 23.97 16.89
C LYS A 3 -15.48 23.29 17.03
N LYS A 4 -15.58 22.04 16.64
CA LYS A 4 -16.78 21.29 16.71
C LYS A 4 -16.80 20.57 18.09
N TRP A 5 -17.94 20.03 18.45
CA TRP A 5 -18.12 19.23 19.70
C TRP A 5 -18.51 17.83 19.37
N PHE A 6 -18.05 16.90 20.19
CA PHE A 6 -18.52 15.57 20.19
C PHE A 6 -19.62 15.43 21.21
N SER A 7 -20.73 14.80 20.86
CA SER A 7 -21.83 14.60 21.77
C SER A 7 -22.15 13.11 21.88
N GLU A 8 -22.23 12.63 23.12
CA GLU A 8 -22.61 11.24 23.48
C GLU A 8 -24.12 11.06 23.73
N PHE A 9 -24.84 10.50 22.76
CA PHE A 9 -26.30 10.33 22.78
C PHE A 9 -26.43 8.82 22.74
N SER A 10 -27.44 8.24 23.41
CA SER A 10 -27.60 6.80 23.41
C SER A 10 -29.03 6.46 23.83
N ILE A 11 -29.58 5.46 23.19
CA ILE A 11 -30.85 4.86 23.68
C ILE A 11 -30.71 4.24 25.08
N MET A 12 -29.49 3.97 25.51
CA MET A 12 -29.25 3.46 26.84
C MET A 12 -29.37 4.55 27.93
N TRP A 13 -29.36 5.83 27.56
CA TRP A 13 -29.61 6.93 28.53
C TRP A 13 -30.37 8.04 27.78
N PRO A 14 -31.62 7.77 27.48
CA PRO A 14 -32.37 8.66 26.64
C PRO A 14 -32.56 9.99 27.37
N GLY A 15 -32.58 11.09 26.65
CA GLY A 15 -32.98 12.34 27.32
C GLY A 15 -31.85 13.14 27.85
N GLN A 16 -30.61 12.61 27.77
CA GLN A 16 -29.45 13.34 28.28
C GLN A 16 -28.32 13.15 27.33
N ALA A 17 -27.37 14.05 27.38
CA ALA A 17 -26.18 13.92 26.60
C ALA A 17 -25.00 14.64 27.22
N PHE A 18 -23.80 14.10 27.04
CA PHE A 18 -22.59 14.74 27.53
C PHE A 18 -21.80 15.08 26.31
N SER A 19 -21.20 16.26 26.31
CA SER A 19 -20.40 16.77 25.15
C SER A 19 -19.04 17.26 25.54
N LEU A 20 -18.09 17.02 24.63
CA LEU A 20 -16.76 17.53 24.77
C LEU A 20 -16.31 18.32 23.55
N LYS A 21 -15.56 19.39 23.77
CA LYS A 21 -15.13 20.17 22.64
C LYS A 21 -13.92 19.48 22.03
N ILE A 22 -13.88 19.51 20.71
CA ILE A 22 -12.87 18.76 19.91
C ILE A 22 -11.77 19.70 19.53
N LYS A 23 -10.59 19.36 19.94
CA LYS A 23 -9.38 20.12 19.54
C LYS A 23 -8.97 19.60 18.14
N LYS A 24 -8.88 18.28 17.97
CA LYS A 24 -8.69 17.66 16.63
C LYS A 24 -9.07 16.20 16.58
N ILE A 25 -9.65 15.81 15.46
CA ILE A 25 -9.92 14.38 15.29
C ILE A 25 -8.61 13.69 14.95
N LEU A 26 -8.28 12.58 15.60
CA LEU A 26 -7.00 11.85 15.34
C LEU A 26 -7.16 10.61 14.48
N TYR A 27 -8.28 9.91 14.61
CA TYR A 27 -8.41 8.60 13.91
C TYR A 27 -9.85 8.18 13.98
N GLU A 28 -10.38 7.64 12.86
CA GLU A 28 -11.70 7.00 12.78
C GLU A 28 -11.67 5.77 11.86
N THR A 29 -12.44 4.72 12.20
CA THR A 29 -12.59 3.57 11.35
C THR A 29 -13.78 2.76 11.76
N LYS A 30 -14.28 1.95 10.85
CA LYS A 30 -15.25 0.95 11.20
C LYS A 30 -14.47 -0.34 11.30
N SER A 31 -14.38 -0.95 12.48
CA SER A 31 -13.65 -2.16 12.59
C SER A 31 -14.59 -3.29 12.25
N LYS A 32 -14.14 -4.52 12.42
CA LYS A 32 -15.04 -5.66 12.25
C LYS A 32 -16.22 -5.67 13.22
N TYR A 33 -16.10 -4.98 14.36
CA TYR A 33 -17.08 -5.04 15.41
C TYR A 33 -17.75 -3.74 15.74
N GLN A 34 -17.08 -2.64 15.50
CA GLN A 34 -17.61 -1.38 15.99
C GLN A 34 -16.99 -0.19 15.33
N ASN A 35 -17.70 0.94 15.39
CA ASN A 35 -17.10 2.22 15.06
C ASN A 35 -16.11 2.77 16.08
N VAL A 36 -14.94 3.19 15.61
CA VAL A 36 -13.88 3.59 16.47
C VAL A 36 -13.55 5.04 16.17
N LEU A 37 -13.48 5.86 17.21
CA LEU A 37 -13.18 7.26 17.04
C LEU A 37 -12.19 7.69 18.13
N VAL A 38 -11.07 8.31 17.74
CA VAL A 38 -10.12 8.89 18.65
C VAL A 38 -9.98 10.38 18.35
N PHE A 39 -10.14 11.22 19.36
CA PHE A 39 -9.96 12.68 19.20
C PHE A 39 -9.23 13.27 20.39
N GLU A 40 -8.62 14.41 20.13
CA GLU A 40 -8.04 15.11 21.20
C GLU A 40 -9.12 16.18 21.60
N SER A 41 -9.52 16.16 22.86
CA SER A 41 -10.52 17.10 23.39
C SER A 41 -9.73 18.30 23.84
N THR A 42 -10.41 19.39 24.10
CA THR A 42 -9.69 20.61 24.57
C THR A 42 -9.32 20.58 26.05
N THR A 43 -10.12 19.95 26.89
CA THR A 43 -9.82 19.93 28.30
C THR A 43 -9.67 18.58 28.93
N TYR A 44 -10.05 17.48 28.26
CA TYR A 44 -9.91 16.15 28.82
C TYR A 44 -8.81 15.28 28.20
N GLY A 45 -7.96 15.91 27.42
CA GLY A 45 -6.94 15.20 26.66
C GLY A 45 -7.55 14.30 25.59
N LYS A 46 -6.85 13.20 25.28
CA LYS A 46 -7.36 12.31 24.20
C LYS A 46 -8.48 11.40 24.68
N VAL A 47 -9.39 11.11 23.80
CA VAL A 47 -10.63 10.41 24.10
C VAL A 47 -10.76 9.25 23.10
N LEU A 48 -11.21 8.08 23.58
CA LEU A 48 -11.55 6.91 22.77
C LEU A 48 -13.01 6.73 22.82
N VAL A 49 -13.64 6.67 21.64
CA VAL A 49 -15.08 6.44 21.52
C VAL A 49 -15.33 5.19 20.74
N LEU A 50 -16.22 4.34 21.24
CA LEU A 50 -16.66 3.16 20.55
C LEU A 50 -18.18 3.14 20.39
N ASP A 51 -18.63 3.03 19.12
CA ASP A 51 -20.05 3.06 18.76
C ASP A 51 -20.72 4.24 19.38
N GLY A 52 -20.07 5.37 19.31
CA GLY A 52 -20.66 6.59 19.83
C GLY A 52 -20.57 6.82 21.33
N VAL A 53 -19.95 5.91 22.07
CA VAL A 53 -19.90 5.96 23.52
C VAL A 53 -18.49 6.16 24.05
N ILE A 54 -18.26 7.09 24.98
CA ILE A 54 -16.94 7.36 25.47
C ILE A 54 -16.46 6.17 26.28
N GLN A 55 -15.29 5.63 25.95
CA GLN A 55 -14.70 4.53 26.74
C GLN A 55 -13.68 5.04 27.74
N LEU A 56 -12.95 6.06 27.35
CA LEU A 56 -12.00 6.67 28.24
C LEU A 56 -11.56 8.02 27.75
N THR A 57 -11.11 8.82 28.69
CA THR A 57 -10.29 10.00 28.45
C THR A 57 -9.07 9.98 29.29
N GLU A 58 -8.02 10.69 28.83
CA GLU A 58 -6.78 10.67 29.51
C GLU A 58 -6.91 11.37 30.88
N LYS A 59 -7.84 12.30 31.01
CA LYS A 59 -7.93 13.11 32.25
C LYS A 59 -8.46 12.28 33.40
N ASP A 60 -9.40 11.38 33.15
CA ASP A 60 -10.00 10.73 34.27
C ASP A 60 -9.92 9.20 34.29
N GLU A 61 -9.25 8.60 33.29
CA GLU A 61 -9.31 7.13 33.23
C GLU A 61 -8.71 6.48 34.45
N PHE A 62 -7.72 7.07 35.09
CA PHE A 62 -7.15 6.51 36.30
C PHE A 62 -8.16 6.13 37.35
N ALA A 63 -9.29 6.85 37.43
CA ALA A 63 -10.26 6.55 38.45
C ALA A 63 -10.89 5.21 38.26
N TYR A 64 -11.37 4.99 37.07
CA TYR A 64 -11.94 3.73 36.71
C TYR A 64 -10.90 2.56 36.68
N HIS A 65 -9.73 2.78 36.11
CA HIS A 65 -8.77 1.69 36.03
C HIS A 65 -8.20 1.27 37.41
N GLU A 66 -7.87 2.26 38.24
CA GLU A 66 -7.43 2.00 39.66
C GLU A 66 -8.48 1.31 40.48
N MET A 67 -9.75 1.73 40.44
CA MET A 67 -10.74 1.10 41.27
C MET A 67 -11.07 -0.29 40.80
N MET A 68 -11.20 -0.48 39.50
CA MET A 68 -11.54 -1.78 38.98
C MET A 68 -10.38 -2.81 39.27
N THR A 69 -9.14 -2.36 39.33
CA THR A 69 -8.06 -3.31 39.47
C THR A 69 -7.73 -3.53 40.98
N HIS A 70 -7.59 -2.43 41.71
CA HIS A 70 -7.03 -2.53 43.07
C HIS A 70 -8.00 -2.99 44.11
N VAL A 71 -9.26 -2.86 43.81
CA VAL A 71 -10.23 -3.43 44.66
C VAL A 71 -10.01 -4.98 44.74
N PRO A 72 -10.20 -5.74 43.62
CA PRO A 72 -9.95 -7.18 43.78
C PRO A 72 -8.50 -7.58 44.07
N MET A 73 -7.52 -6.83 43.61
CA MET A 73 -6.12 -7.16 43.80
C MET A 73 -5.58 -6.84 45.23
N THR A 74 -6.28 -6.02 46.01
CA THR A 74 -5.88 -5.88 47.39
C THR A 74 -6.61 -6.89 48.27
N VAL A 75 -7.64 -7.57 47.80
CA VAL A 75 -8.35 -8.49 48.58
C VAL A 75 -7.81 -9.91 48.31
N SER A 76 -7.58 -10.22 47.03
CA SER A 76 -6.91 -11.49 46.68
C SER A 76 -5.60 -11.56 47.40
N LYS A 77 -5.39 -12.67 48.10
CA LYS A 77 -4.18 -12.83 48.94
C LYS A 77 -2.91 -12.86 48.14
N GLU A 78 -2.80 -13.86 47.26
CA GLU A 78 -1.56 -14.02 46.51
C GLU A 78 -1.88 -14.25 45.03
N PRO A 79 -2.44 -13.23 44.35
CA PRO A 79 -2.96 -13.52 43.00
C PRO A 79 -1.83 -13.82 42.01
N LYS A 80 -1.94 -14.91 41.28
CA LYS A 80 -0.83 -15.27 40.36
C LYS A 80 -1.21 -15.14 38.89
N ASN A 81 -2.44 -15.50 38.61
CA ASN A 81 -2.97 -15.50 37.27
C ASN A 81 -4.24 -14.65 37.25
N VAL A 82 -4.21 -13.61 36.43
CA VAL A 82 -5.36 -12.70 36.28
C VAL A 82 -5.80 -12.59 34.82
N LEU A 83 -7.09 -12.64 34.60
CA LEU A 83 -7.67 -12.38 33.28
C LEU A 83 -8.38 -11.04 33.21
N VAL A 84 -8.13 -10.29 32.15
CA VAL A 84 -8.91 -9.10 31.84
C VAL A 84 -9.80 -9.41 30.67
N VAL A 85 -11.10 -9.24 30.82
CA VAL A 85 -12.04 -9.36 29.70
C VAL A 85 -12.30 -8.00 29.10
N GLY A 86 -12.26 -7.88 27.77
CA GLY A 86 -12.33 -6.55 27.18
C GLY A 86 -11.06 -5.82 27.50
N GLY A 87 -11.16 -4.59 27.90
CA GLY A 87 -9.99 -3.79 28.26
C GLY A 87 -8.86 -3.56 27.28
N GLY A 88 -9.18 -3.57 25.99
CA GLY A 88 -8.15 -3.42 24.96
C GLY A 88 -7.30 -2.21 25.08
N ASP A 89 -7.83 -1.12 25.66
CA ASP A 89 -6.96 0.04 25.85
C ASP A 89 -5.72 -0.23 26.71
N GLY A 90 -5.78 -1.23 27.57
CA GLY A 90 -4.66 -1.61 28.42
C GLY A 90 -4.58 -1.00 29.83
N GLY A 91 -5.54 -0.16 30.17
CA GLY A 91 -5.42 0.59 31.50
C GLY A 91 -5.46 -0.41 32.66
N ILE A 92 -6.30 -1.42 32.61
CA ILE A 92 -6.34 -2.43 33.66
C ILE A 92 -5.01 -3.17 33.72
N ILE A 93 -4.51 -3.57 32.55
CA ILE A 93 -3.21 -4.19 32.48
C ILE A 93 -2.13 -3.37 33.13
N ARG A 94 -2.10 -2.06 32.82
CA ARG A 94 -1.10 -1.15 33.38
C ARG A 94 -1.12 -1.25 34.95
N GLU A 95 -2.32 -1.26 35.51
CA GLU A 95 -2.48 -1.28 36.95
C GLU A 95 -2.07 -2.64 37.49
N LEU A 96 -2.46 -3.75 36.82
CA LEU A 96 -2.00 -5.12 37.17
C LEU A 96 -0.48 -5.33 37.17
N CYS A 97 0.21 -4.74 36.25
CA CYS A 97 1.65 -4.86 36.11
C CYS A 97 2.39 -4.36 37.35
N LYS A 98 1.73 -3.50 38.13
CA LYS A 98 2.34 -3.01 39.37
C LYS A 98 2.64 -4.05 40.47
N TYR A 99 1.91 -5.14 40.46
CA TYR A 99 1.99 -6.22 41.39
C TYR A 99 3.12 -7.14 40.91
N LYS A 100 4.28 -7.02 41.54
CA LYS A 100 5.42 -7.93 41.19
C LYS A 100 5.08 -9.41 41.29
N SER A 101 4.24 -9.78 42.23
CA SER A 101 3.81 -11.15 42.44
C SER A 101 2.98 -11.82 41.36
N VAL A 102 2.30 -11.01 40.56
CA VAL A 102 1.53 -11.58 39.46
C VAL A 102 2.55 -12.25 38.50
N GLU A 103 2.22 -13.47 38.09
CA GLU A 103 3.03 -14.29 37.14
C GLU A 103 2.51 -14.27 35.71
N ASN A 104 1.20 -14.09 35.55
CA ASN A 104 0.55 -14.13 34.22
C ASN A 104 -0.66 -13.19 34.17
N ILE A 105 -0.73 -12.41 33.10
CA ILE A 105 -1.89 -11.61 32.80
C ILE A 105 -2.38 -11.95 31.39
N ASP A 106 -3.54 -12.57 31.32
CA ASP A 106 -4.18 -12.82 30.08
C ASP A 106 -5.23 -11.74 29.77
N ILE A 107 -5.33 -11.30 28.53
CA ILE A 107 -6.42 -10.38 28.17
C ILE A 107 -7.15 -11.00 26.95
N CYS A 108 -8.45 -11.09 27.03
CA CYS A 108 -9.30 -11.48 25.96
C CYS A 108 -10.13 -10.27 25.48
N GLU A 109 -9.75 -9.72 24.31
CA GLU A 109 -10.41 -8.56 23.69
C GLU A 109 -10.83 -8.95 22.30
N ILE A 110 -12.08 -8.69 21.98
CA ILE A 110 -12.65 -9.13 20.74
C ILE A 110 -12.13 -8.30 19.56
N ASP A 111 -11.70 -7.06 19.79
CA ASP A 111 -11.39 -6.12 18.70
C ASP A 111 -9.96 -5.69 18.74
N GLU A 112 -9.10 -6.35 17.94
CA GLU A 112 -7.71 -5.97 17.90
C GLU A 112 -7.43 -4.57 17.50
N THR A 113 -8.32 -3.93 16.75
CA THR A 113 -8.19 -2.50 16.41
C THR A 113 -8.08 -1.62 17.68
N VAL A 114 -8.85 -1.98 18.72
CA VAL A 114 -8.80 -1.19 19.97
C VAL A 114 -7.42 -1.25 20.55
N ILE A 115 -6.80 -2.43 20.58
CA ILE A 115 -5.47 -2.56 21.14
C ILE A 115 -4.46 -1.74 20.37
N GLU A 116 -4.51 -1.85 19.06
CA GLU A 116 -3.52 -1.21 18.16
C GLU A 116 -3.68 0.30 18.22
N VAL A 117 -4.91 0.80 18.25
CA VAL A 117 -5.17 2.26 18.38
C VAL A 117 -4.67 2.77 19.73
N SER A 118 -4.81 1.91 20.76
CA SER A 118 -4.32 2.34 22.12
C SER A 118 -2.82 2.38 22.17
N LYS A 119 -2.16 1.42 21.51
CA LYS A 119 -0.68 1.47 21.43
C LYS A 119 -0.12 2.62 20.64
N ILE A 120 -0.86 3.10 19.67
CA ILE A 120 -0.44 4.23 18.89
C ILE A 120 -0.81 5.56 19.58
N TYR A 121 -2.07 5.70 19.96
CA TYR A 121 -2.58 7.00 20.42
C TYR A 121 -2.62 7.23 21.93
N PHE A 122 -2.51 6.18 22.72
CA PHE A 122 -2.66 6.25 24.20
C PHE A 122 -1.49 5.58 24.91
N LYS A 123 -0.27 6.07 24.65
CA LYS A 123 0.90 5.33 25.10
C LYS A 123 1.03 5.20 26.62
N ASN A 124 0.52 6.15 27.40
CA ASN A 124 0.55 6.01 28.88
C ASN A 124 -0.53 5.10 29.40
N ILE A 125 -1.44 4.71 28.56
CA ILE A 125 -2.43 3.76 28.99
C ILE A 125 -2.05 2.33 28.57
N SER A 126 -1.47 2.21 27.36
CA SER A 126 -1.15 0.93 26.75
C SER A 126 0.26 0.37 27.02
N CYS A 127 0.98 1.02 27.94
CA CYS A 127 2.40 0.68 28.27
C CYS A 127 2.60 -0.73 28.81
N GLY A 128 1.58 -1.30 29.45
CA GLY A 128 1.61 -2.66 30.02
C GLY A 128 1.69 -3.82 29.02
N TYR A 129 1.38 -3.54 27.75
CA TYR A 129 1.46 -4.60 26.76
C TYR A 129 2.90 -5.01 26.60
N GLU A 130 3.85 -4.15 26.98
CA GLU A 130 5.30 -4.52 26.87
C GLU A 130 5.77 -5.50 27.88
N ASP A 131 4.98 -5.71 28.93
CA ASP A 131 5.36 -6.58 30.02
C ASP A 131 5.27 -7.99 29.52
N LYS A 132 6.33 -8.76 29.82
CA LYS A 132 6.45 -10.18 29.39
C LYS A 132 5.40 -11.08 29.95
N ARG A 133 4.74 -10.72 31.07
CA ARG A 133 3.67 -11.53 31.62
C ARG A 133 2.31 -11.47 30.95
N VAL A 134 2.17 -10.55 29.99
CA VAL A 134 0.92 -10.26 29.32
C VAL A 134 0.78 -11.06 28.04
N ASN A 135 -0.30 -11.80 27.99
CA ASN A 135 -0.68 -12.55 26.82
C ASN A 135 -2.08 -12.12 26.29
N VAL A 136 -2.15 -11.89 24.99
CA VAL A 136 -3.30 -11.35 24.30
C VAL A 136 -4.04 -12.41 23.50
N PHE A 137 -5.34 -12.46 23.63
CA PHE A 137 -6.24 -13.32 22.90
C PHE A 137 -7.27 -12.45 22.23
N ILE A 138 -7.35 -12.53 20.91
CA ILE A 138 -8.31 -11.76 20.15
C ILE A 138 -9.44 -12.66 19.92
N GLU A 139 -10.50 -12.52 20.73
CA GLU A 139 -11.59 -13.49 20.73
C GLU A 139 -12.80 -12.91 21.47
N ASP A 140 -13.98 -13.37 21.19
CA ASP A 140 -15.09 -13.03 21.99
C ASP A 140 -14.88 -13.70 23.39
N ALA A 141 -15.03 -12.97 24.49
CA ALA A 141 -14.78 -13.58 25.81
C ALA A 141 -15.76 -14.67 26.17
N SER A 142 -16.91 -14.60 25.53
CA SER A 142 -17.94 -15.61 25.64
C SER A 142 -17.47 -17.02 25.21
N LYS A 143 -16.74 -17.05 24.12
CA LYS A 143 -16.14 -18.28 23.62
C LYS A 143 -14.87 -18.61 24.39
N PHE A 144 -13.94 -17.64 24.57
CA PHE A 144 -12.74 -17.79 25.33
C PHE A 144 -13.04 -18.49 26.67
N LEU A 145 -14.04 -17.99 27.43
CA LEU A 145 -14.27 -18.52 28.77
C LEU A 145 -14.89 -19.93 28.76
N GLU A 146 -15.55 -20.27 27.67
CA GLU A 146 -16.01 -21.64 27.46
C GLU A 146 -14.83 -22.60 27.22
N ASN A 147 -13.71 -22.12 26.65
CA ASN A 147 -12.62 -22.95 26.21
C ASN A 147 -11.34 -22.97 27.02
N VAL A 148 -11.21 -22.05 27.94
CA VAL A 148 -9.94 -21.84 28.55
C VAL A 148 -9.76 -23.01 29.56
N THR A 149 -8.51 -23.44 29.68
CA THR A 149 -8.17 -24.63 30.61
C THR A 149 -7.77 -24.16 31.99
N ASN A 150 -7.09 -23.01 32.10
CA ASN A 150 -6.59 -22.47 33.30
C ASN A 150 -7.84 -21.94 34.10
N THR A 151 -7.65 -21.83 35.41
CA THR A 151 -8.48 -20.98 36.31
C THR A 151 -7.68 -19.79 36.78
N TYR A 152 -8.40 -18.71 37.15
CA TYR A 152 -7.76 -17.48 37.48
C TYR A 152 -8.06 -17.10 38.91
N ASP A 153 -7.16 -16.36 39.50
CA ASP A 153 -7.34 -15.84 40.86
C ASP A 153 -8.31 -14.62 40.83
N VAL A 154 -8.21 -13.80 39.78
CA VAL A 154 -9.10 -12.65 39.59
C VAL A 154 -9.44 -12.52 38.13
N ILE A 155 -10.69 -12.17 37.88
CA ILE A 155 -11.14 -11.80 36.54
C ILE A 155 -11.79 -10.42 36.57
N ILE A 156 -11.34 -9.50 35.72
CA ILE A 156 -11.77 -8.10 35.71
C ILE A 156 -12.46 -7.95 34.37
N VAL A 157 -13.76 -7.73 34.36
CA VAL A 157 -14.52 -7.61 33.13
C VAL A 157 -14.67 -6.11 32.78
N ASP A 158 -13.74 -5.56 31.96
CA ASP A 158 -13.75 -4.20 31.51
C ASP A 158 -14.43 -4.12 30.12
N SER A 159 -15.75 -4.36 30.08
CA SER A 159 -16.47 -4.42 28.83
C SER A 159 -16.91 -3.02 28.44
N SER A 160 -17.11 -2.86 27.16
CA SER A 160 -18.05 -1.86 26.65
C SER A 160 -19.52 -2.16 27.11
N ASP A 161 -20.45 -1.33 26.67
CA ASP A 161 -21.88 -1.47 27.04
C ASP A 161 -22.65 -2.59 26.32
N PRO A 162 -23.85 -2.94 26.85
CA PRO A 162 -24.62 -4.04 26.21
C PRO A 162 -24.99 -3.97 24.76
N ILE A 163 -24.99 -2.78 24.16
CA ILE A 163 -25.26 -2.67 22.75
C ILE A 163 -23.94 -2.72 22.03
N GLY A 164 -23.78 -3.75 21.20
CA GLY A 164 -22.57 -4.00 20.45
C GLY A 164 -22.02 -5.37 20.82
N PRO A 165 -20.73 -5.56 20.62
CA PRO A 165 -20.14 -6.89 20.86
C PRO A 165 -20.19 -7.35 22.30
N ALA A 166 -20.37 -6.45 23.24
CA ALA A 166 -20.42 -6.83 24.62
C ALA A 166 -21.77 -7.33 25.04
N GLU A 167 -22.68 -7.38 24.09
CA GLU A 167 -24.02 -7.97 24.30
C GLU A 167 -24.00 -9.37 24.95
N THR A 168 -22.95 -10.16 24.69
CA THR A 168 -22.88 -11.52 25.25
C THR A 168 -22.36 -11.54 26.68
N LEU A 169 -21.94 -10.38 27.21
CA LEU A 169 -21.31 -10.40 28.50
C LEU A 169 -22.26 -10.04 29.71
N PHE A 170 -23.57 -9.95 29.48
CA PHE A 170 -24.46 -9.36 30.49
C PHE A 170 -25.63 -10.33 30.58
N ASN A 171 -25.37 -11.60 30.90
CA ASN A 171 -26.39 -12.63 30.99
C ASN A 171 -25.88 -13.70 31.95
N GLN A 172 -26.80 -14.54 32.39
CA GLN A 172 -26.58 -15.53 33.40
C GLN A 172 -25.51 -16.56 32.93
N ASN A 173 -25.63 -17.02 31.68
CA ASN A 173 -24.61 -17.91 31.06
C ASN A 173 -23.23 -17.42 31.22
N PHE A 174 -22.98 -16.10 31.07
CA PHE A 174 -21.66 -15.53 31.11
C PHE A 174 -21.16 -15.65 32.52
N TYR A 175 -22.04 -15.37 33.50
CA TYR A 175 -21.61 -15.45 34.88
C TYR A 175 -21.31 -16.92 35.32
N GLU A 176 -22.00 -17.90 34.75
CA GLU A 176 -21.63 -19.32 34.99
C GLU A 176 -20.18 -19.56 34.49
N LYS A 177 -19.90 -19.05 33.30
CA LYS A 177 -18.53 -19.19 32.72
C LYS A 177 -17.47 -18.55 33.57
N ILE A 178 -17.73 -17.33 34.09
CA ILE A 178 -16.82 -16.68 34.93
C ILE A 178 -16.59 -17.54 36.18
N TYR A 179 -17.66 -17.99 36.78
CA TYR A 179 -17.57 -18.74 38.04
C TYR A 179 -16.63 -19.96 37.84
N ASN A 180 -16.89 -20.70 36.78
CA ASN A 180 -16.10 -21.90 36.42
C ASN A 180 -14.66 -21.59 36.09
N ALA A 181 -14.38 -20.39 35.62
CA ALA A 181 -12.99 -20.04 35.33
C ALA A 181 -12.25 -19.47 36.45
N LEU A 182 -12.88 -19.30 37.63
CA LEU A 182 -12.17 -18.81 38.75
C LEU A 182 -11.70 -19.97 39.69
N LYS A 183 -10.60 -19.75 40.35
CA LYS A 183 -10.15 -20.58 41.44
C LYS A 183 -11.28 -20.71 42.49
N PRO A 184 -11.16 -21.70 43.37
CA PRO A 184 -12.21 -21.85 44.40
C PRO A 184 -12.38 -20.61 45.32
N ASN A 185 -11.32 -19.86 45.57
CA ASN A 185 -11.35 -18.63 46.34
C ASN A 185 -11.21 -17.37 45.44
N GLY A 186 -11.58 -17.50 44.18
CA GLY A 186 -11.34 -16.47 43.19
C GLY A 186 -12.39 -15.34 43.27
N TYR A 187 -12.03 -14.18 42.70
CA TYR A 187 -12.93 -12.98 42.64
C TYR A 187 -13.09 -12.51 41.18
N CYS A 188 -14.29 -12.04 40.84
CA CYS A 188 -14.59 -11.34 39.58
C CYS A 188 -15.20 -9.95 39.90
N VAL A 189 -14.66 -8.88 39.28
CA VAL A 189 -15.35 -7.55 39.28
C VAL A 189 -15.74 -7.26 37.82
N ALA A 190 -16.91 -6.65 37.59
CA ALA A 190 -17.36 -6.33 36.25
C ALA A 190 -17.93 -4.91 36.22
N GLN A 191 -17.65 -4.20 35.16
CA GLN A 191 -18.29 -2.86 34.93
C GLN A 191 -19.78 -3.05 34.96
N CYS A 192 -20.50 -2.18 35.67
CA CYS A 192 -21.92 -2.45 35.90
C CYS A 192 -22.72 -1.05 35.79
N GLU A 193 -24.01 -1.09 35.55
CA GLU A 193 -24.82 0.13 35.17
C GLU A 193 -24.73 1.24 36.26
N SER A 194 -24.67 2.53 35.84
CA SER A 194 -24.73 3.69 36.79
C SER A 194 -26.00 3.60 37.57
N LEU A 195 -25.86 3.83 38.85
CA LEU A 195 -27.01 3.72 39.77
C LEU A 195 -28.07 4.80 39.46
N TRP A 196 -27.64 5.84 38.76
CA TRP A 196 -28.57 6.92 38.36
C TRP A 196 -29.41 6.64 37.13
N ILE A 197 -29.14 5.55 36.40
CA ILE A 197 -29.90 5.22 35.16
C ILE A 197 -30.74 3.95 35.36
N HIS A 198 -30.42 2.80 34.77
CA HIS A 198 -31.40 1.61 34.89
C HIS A 198 -31.00 0.66 36.05
N VAL A 199 -31.39 1.07 37.23
CA VAL A 199 -31.35 0.20 38.38
C VAL A 199 -31.90 -1.21 38.02
N GLY A 200 -32.89 -1.31 37.14
CA GLY A 200 -33.46 -2.63 36.82
C GLY A 200 -32.37 -3.57 36.31
N THR A 201 -31.47 -3.01 35.51
CA THR A 201 -30.29 -3.68 35.03
C THR A 201 -29.28 -4.08 36.08
N ILE A 202 -29.03 -3.21 37.03
CA ILE A 202 -28.26 -3.60 38.15
C ILE A 202 -28.90 -4.77 38.88
N LYS A 203 -30.22 -4.73 39.07
CA LYS A 203 -30.90 -5.84 39.74
C LYS A 203 -30.72 -7.12 38.93
N ASN A 204 -30.90 -7.01 37.62
CA ASN A 204 -30.72 -8.18 36.76
C ASN A 204 -29.37 -8.83 36.93
N MET A 205 -28.29 -8.05 36.94
CA MET A 205 -26.93 -8.56 36.98
C MET A 205 -26.65 -9.10 38.36
N ILE A 206 -27.09 -8.41 39.40
CA ILE A 206 -26.91 -8.95 40.73
C ILE A 206 -27.54 -10.30 40.91
N GLY A 207 -28.73 -10.50 40.35
CA GLY A 207 -29.49 -11.74 40.46
C GLY A 207 -28.79 -12.85 39.68
N TYR A 208 -28.18 -12.52 38.53
CA TYR A 208 -27.38 -13.49 37.80
C TYR A 208 -26.20 -13.98 38.61
N ALA A 209 -25.50 -13.06 39.22
CA ALA A 209 -24.31 -13.36 39.96
C ALA A 209 -24.62 -14.15 41.25
N LYS A 210 -25.71 -13.82 41.92
CA LYS A 210 -26.13 -14.52 43.14
C LYS A 210 -26.54 -15.98 42.93
N LYS A 211 -26.99 -16.37 41.73
CA LYS A 211 -27.23 -17.77 41.37
C LYS A 211 -26.02 -18.70 41.52
N LEU A 212 -24.83 -18.15 41.60
CA LEU A 212 -23.59 -18.90 41.60
C LEU A 212 -22.66 -18.49 42.68
N PHE A 213 -22.53 -17.20 42.88
CA PHE A 213 -21.60 -16.69 43.84
C PHE A 213 -22.24 -16.54 45.22
N LYS A 214 -21.46 -16.76 46.27
CA LYS A 214 -22.05 -16.63 47.58
C LYS A 214 -22.12 -15.20 48.10
N LYS A 215 -21.24 -14.30 47.65
CA LYS A 215 -21.25 -12.91 48.06
C LYS A 215 -21.13 -11.98 46.84
N VAL A 216 -22.08 -11.07 46.71
CA VAL A 216 -22.22 -10.23 45.51
C VAL A 216 -22.54 -8.86 46.06
N GLU A 217 -21.67 -7.90 45.73
CA GLU A 217 -21.60 -6.58 46.28
C GLU A 217 -21.54 -5.63 45.06
N TYR A 218 -21.85 -4.35 45.30
CA TYR A 218 -21.86 -3.29 44.28
C TYR A 218 -21.18 -2.07 44.83
N ALA A 219 -20.27 -1.53 44.06
CA ALA A 219 -19.47 -0.39 44.41
C ALA A 219 -19.67 0.69 43.33
N ASN A 220 -19.40 1.96 43.71
CA ASN A 220 -19.54 3.11 42.77
C ASN A 220 -18.23 3.85 42.65
N ILE A 221 -17.95 4.37 41.44
CA ILE A 221 -16.73 5.12 41.15
C ILE A 221 -17.20 6.46 40.54
N SER A 222 -16.58 7.52 40.94
CA SER A 222 -16.94 8.83 40.41
C SER A 222 -15.97 8.96 39.19
N ILE A 223 -16.56 9.19 38.03
CA ILE A 223 -15.84 9.51 36.83
C ILE A 223 -16.69 10.37 35.89
N PRO A 224 -16.18 11.54 35.60
CA PRO A 224 -17.04 12.54 34.99
C PRO A 224 -17.45 12.30 33.55
N THR A 225 -16.70 11.46 32.81
CA THR A 225 -17.00 11.25 31.39
C THR A 225 -17.71 10.01 31.09
N TYR A 226 -18.22 9.33 32.12
CA TYR A 226 -19.25 8.33 31.89
C TYR A 226 -20.63 8.94 32.20
N PRO A 227 -21.68 8.39 31.64
CA PRO A 227 -22.98 9.05 31.78
C PRO A 227 -23.41 9.03 33.22
N CYS A 228 -23.93 10.18 33.68
CA CYS A 228 -24.29 10.41 35.08
C CYS A 228 -23.09 10.59 36.00
N GLY A 229 -21.85 10.59 35.46
CA GLY A 229 -20.66 10.90 36.23
C GLY A 229 -20.25 9.80 37.16
N CYS A 230 -20.78 8.60 36.95
CA CYS A 230 -20.39 7.46 37.76
C CYS A 230 -20.64 6.14 37.06
N ILE A 231 -19.98 5.09 37.58
CA ILE A 231 -20.18 3.75 37.06
C ILE A 231 -19.99 2.76 38.22
N GLY A 232 -20.71 1.68 38.11
CA GLY A 232 -20.70 0.66 39.12
C GLY A 232 -19.71 -0.45 38.83
N ILE A 233 -19.29 -1.12 39.89
CA ILE A 233 -18.55 -2.37 39.84
C ILE A 233 -19.35 -3.42 40.51
N LEU A 234 -19.75 -4.40 39.74
CA LEU A 234 -20.31 -5.60 40.27
C LEU A 234 -19.21 -6.56 40.80
N CYS A 235 -19.32 -6.96 42.06
CA CYS A 235 -18.19 -7.55 42.81
C CYS A 235 -18.61 -8.90 43.31
N CYS A 236 -17.96 -9.96 42.81
CA CYS A 236 -18.48 -11.34 42.96
C CYS A 236 -17.42 -12.21 43.68
N SER A 237 -17.81 -12.90 44.75
CA SER A 237 -16.86 -13.60 45.63
C SER A 237 -17.39 -14.99 45.88
N LYS A 238 -16.45 -15.95 46.03
CA LYS A 238 -16.88 -17.31 46.35
C LYS A 238 -16.83 -17.57 47.87
N THR A 239 -16.21 -16.67 48.60
CA THR A 239 -16.09 -16.73 50.04
C THR A 239 -17.00 -15.67 50.64
N ASP A 240 -17.40 -15.90 51.89
CA ASP A 240 -18.51 -15.15 52.49
C ASP A 240 -18.07 -13.74 52.79
N THR A 241 -16.78 -13.54 52.86
CA THR A 241 -16.16 -12.31 53.26
C THR A 241 -16.13 -11.16 52.20
N GLY A 242 -16.24 -11.47 50.90
CA GLY A 242 -16.31 -10.39 49.84
C GLY A 242 -15.14 -9.45 49.60
N LEU A 243 -15.42 -8.30 48.95
CA LEU A 243 -14.41 -7.44 48.41
C LEU A 243 -14.42 -6.02 48.98
N THR A 244 -15.22 -5.81 50.05
CA THR A 244 -15.32 -4.45 50.64
C THR A 244 -14.13 -4.06 51.47
N LYS A 245 -13.33 -5.03 51.86
CA LYS A 245 -12.20 -4.69 52.73
C LYS A 245 -10.84 -5.17 52.23
N PRO A 246 -9.89 -4.27 51.96
CA PRO A 246 -8.62 -4.72 51.49
C PRO A 246 -7.88 -5.56 52.54
N ASN A 247 -6.88 -6.33 52.07
CA ASN A 247 -6.01 -7.19 52.88
C ASN A 247 -4.63 -6.77 52.85
N LYS A 248 -4.34 -5.67 52.18
CA LYS A 248 -3.03 -5.16 52.12
C LYS A 248 -3.13 -3.71 51.74
N LYS A 249 -2.04 -3.01 51.94
CA LYS A 249 -1.89 -1.65 51.52
C LYS A 249 -0.82 -1.57 50.47
N LEU A 250 -0.96 -0.61 49.58
CA LEU A 250 -0.13 -0.51 48.44
C LEU A 250 0.95 0.49 48.72
N GLU A 251 2.05 0.00 49.30
CA GLU A 251 3.09 0.88 49.81
C GLU A 251 4.38 0.88 49.02
N SER A 252 4.60 -0.12 48.17
CA SER A 252 5.83 -0.19 47.40
C SER A 252 5.89 0.90 46.35
N LYS A 253 7.06 1.13 45.78
CA LYS A 253 7.24 2.29 44.91
C LYS A 253 6.38 2.27 43.64
N GLU A 254 5.87 1.11 43.22
CA GLU A 254 5.12 0.97 41.95
C GLU A 254 3.75 1.64 42.05
N PHE A 255 3.31 1.80 43.31
CA PHE A 255 2.04 2.44 43.65
C PHE A 255 2.12 3.85 44.17
N ALA A 256 3.28 4.47 44.24
CA ALA A 256 3.37 5.81 44.82
C ALA A 256 2.54 6.81 44.01
N ASP A 257 2.39 6.51 42.73
CA ASP A 257 1.72 7.32 41.72
C ASP A 257 0.16 7.19 41.64
N LEU A 258 -0.47 6.43 42.50
CA LEU A 258 -1.89 6.22 42.40
C LEU A 258 -2.58 7.58 42.58
N LYS A 259 -3.59 7.84 41.77
CA LYS A 259 -4.30 9.09 41.78
C LYS A 259 -5.74 9.03 42.36
N TYR A 260 -6.35 7.88 42.52
CA TYR A 260 -7.67 7.80 43.07
C TYR A 260 -7.73 6.80 44.22
N TYR A 261 -7.38 5.57 43.94
CA TYR A 261 -7.50 4.50 44.90
C TYR A 261 -6.60 4.70 46.12
N ASN A 262 -7.18 4.36 47.25
CA ASN A 262 -6.46 4.20 48.53
C ASN A 262 -7.23 3.33 49.43
N TYR A 263 -6.62 2.95 50.55
CA TYR A 263 -7.19 1.98 51.45
C TYR A 263 -8.58 2.36 51.94
N GLU A 264 -8.71 3.60 52.36
CA GLU A 264 -10.01 4.06 52.87
C GLU A 264 -11.09 4.21 51.79
N ASN A 265 -10.70 4.69 50.60
CA ASN A 265 -11.79 4.84 49.63
C ASN A 265 -12.18 3.55 48.94
N HIS A 266 -11.34 2.54 49.08
CA HIS A 266 -11.83 1.19 48.84
C HIS A 266 -13.14 0.78 49.47
N SER A 267 -13.25 0.91 50.81
CA SER A 267 -14.45 0.49 51.50
C SER A 267 -15.61 1.53 51.29
N ALA A 268 -15.21 2.76 51.13
CA ALA A 268 -16.19 3.85 50.93
C ALA A 268 -17.01 3.71 49.69
N ALA A 269 -16.40 3.07 48.66
CA ALA A 269 -17.02 2.90 47.38
C ALA A 269 -18.21 2.03 47.48
N PHE A 270 -18.27 1.15 48.52
CA PHE A 270 -19.39 0.27 48.66
C PHE A 270 -20.56 0.82 49.56
N LYS A 271 -20.41 2.03 50.02
CA LYS A 271 -21.50 2.68 50.84
C LYS A 271 -22.43 3.40 49.88
N LEU A 272 -23.53 2.80 49.55
CA LEU A 272 -24.36 3.23 48.44
C LEU A 272 -25.44 4.21 48.97
N PRO A 273 -26.08 4.92 48.04
CA PRO A 273 -27.30 5.67 48.44
C PRO A 273 -28.48 4.84 48.87
N ALA A 274 -29.28 5.41 49.78
CA ALA A 274 -30.39 4.68 50.32
C ALA A 274 -31.28 4.04 49.34
N PHE A 275 -31.65 4.75 48.25
CA PHE A 275 -32.59 4.25 47.38
C PHE A 275 -32.13 2.95 46.67
N LEU A 276 -30.84 2.92 46.42
CA LEU A 276 -30.16 1.77 45.74
C LEU A 276 -30.26 0.49 46.67
N LEU A 277 -29.97 0.65 47.95
CA LEU A 277 -30.10 -0.50 48.92
C LEU A 277 -31.48 -1.03 49.00
N LYS A 278 -32.46 -0.14 49.00
CA LYS A 278 -33.83 -0.61 48.97
C LYS A 278 -34.12 -1.42 47.73
N GLU A 279 -33.67 -1.00 46.57
CA GLU A 279 -34.07 -1.70 45.32
C GLU A 279 -33.46 -3.15 45.23
N ILE A 280 -32.27 -3.26 45.77
CA ILE A 280 -31.52 -4.47 45.64
C ILE A 280 -31.59 -5.35 46.86
N GLU A 281 -32.31 -4.96 47.93
CA GLU A 281 -32.25 -5.81 49.13
C GLU A 281 -32.97 -7.18 49.06
N ASN A 282 -34.01 -7.34 48.25
CA ASN A 282 -34.73 -8.63 48.17
C ASN A 282 -34.36 -9.55 47.01
N ILE A 283 -33.26 -9.24 46.32
CA ILE A 283 -32.80 -10.09 45.23
C ILE A 283 -32.16 -11.35 45.86
N LYS B 3 3.47 23.70 3.45
CA LYS B 3 3.19 22.24 3.09
C LYS B 3 4.39 21.48 2.49
N LYS B 4 4.76 20.34 3.07
CA LYS B 4 6.05 19.72 2.85
C LYS B 4 5.96 18.59 1.83
N TRP B 5 7.14 18.19 1.42
CA TRP B 5 7.30 17.08 0.48
C TRP B 5 8.12 15.99 1.14
N PHE B 6 7.78 14.74 0.83
CA PHE B 6 8.65 13.63 1.13
C PHE B 6 9.48 13.25 -0.05
N SER B 7 10.78 13.10 0.17
CA SER B 7 11.71 12.74 -0.87
C SER B 7 12.39 11.43 -0.61
N GLU B 8 12.46 10.59 -1.63
CA GLU B 8 13.03 9.27 -1.49
C GLU B 8 14.38 9.34 -2.22
N PHE B 9 15.47 9.30 -1.48
CA PHE B 9 16.88 9.42 -1.96
C PHE B 9 17.46 8.15 -1.42
N SER B 10 18.34 7.50 -2.14
CA SER B 10 19.03 6.34 -1.69
C SER B 10 20.39 6.08 -2.34
N ILE B 11 21.32 5.52 -1.52
CA ILE B 11 22.55 4.94 -2.02
C ILE B 11 22.31 3.82 -3.00
N MET B 12 21.11 3.22 -3.00
CA MET B 12 20.80 2.13 -3.96
C MET B 12 20.50 2.64 -5.40
N TRP B 13 20.19 3.93 -5.50
CA TRP B 13 19.89 4.59 -6.78
C TRP B 13 20.39 6.08 -6.78
N PRO B 14 21.70 6.23 -6.82
CA PRO B 14 22.21 7.57 -6.59
C PRO B 14 21.97 8.44 -7.80
N GLY B 15 21.88 9.72 -7.55
CA GLY B 15 21.74 10.68 -8.64
C GLY B 15 20.31 11.00 -9.05
N GLN B 16 19.32 10.32 -8.46
CA GLN B 16 17.93 10.55 -8.78
C GLN B 16 17.11 10.52 -7.50
N ALA B 17 15.93 11.05 -7.57
CA ALA B 17 15.02 11.06 -6.40
C ALA B 17 13.62 11.26 -6.85
N PHE B 18 12.67 10.75 -6.09
CA PHE B 18 11.27 10.94 -6.32
C PHE B 18 10.62 11.52 -5.07
N SER B 19 9.82 12.53 -5.27
CA SER B 19 9.14 13.22 -4.22
C SER B 19 7.60 13.16 -4.34
N LEU B 20 6.92 13.12 -3.21
CA LEU B 20 5.49 13.27 -3.08
C LEU B 20 5.16 14.34 -2.06
N LYS B 21 4.26 15.19 -2.45
CA LYS B 21 3.73 16.23 -1.55
C LYS B 21 2.89 15.58 -0.44
N ILE B 22 3.17 16.03 0.81
CA ILE B 22 2.53 15.51 2.02
C ILE B 22 1.31 16.30 2.40
N LYS B 23 0.18 15.63 2.51
CA LYS B 23 -1.03 16.25 2.99
C LYS B 23 -1.02 16.21 4.53
N LYS B 24 -0.76 15.04 5.11
CA LYS B 24 -0.38 15.06 6.55
C LYS B 24 0.31 13.77 6.93
N ILE B 25 1.13 13.85 7.95
CA ILE B 25 1.82 12.69 8.52
C ILE B 25 0.84 11.96 9.46
N LEU B 26 0.74 10.65 9.31
CA LEU B 26 -0.19 9.85 10.10
C LEU B 26 0.45 9.11 11.22
N TYR B 27 1.68 8.66 11.07
CA TYR B 27 2.39 7.80 12.03
C TYR B 27 3.81 7.74 11.67
N GLU B 28 4.73 7.89 12.66
CA GLU B 28 6.16 7.68 12.50
C GLU B 28 6.65 7.03 13.74
N THR B 29 7.44 5.97 13.63
CA THR B 29 8.03 5.36 14.82
C THR B 29 9.18 4.54 14.35
N LYS B 30 10.01 4.15 15.28
CA LYS B 30 11.07 3.25 15.02
C LYS B 30 10.67 1.96 15.63
N SER B 31 10.65 0.87 14.85
CA SER B 31 10.32 -0.44 15.41
C SER B 31 11.63 -1.08 15.81
N LYS B 32 11.58 -2.34 16.25
CA LYS B 32 12.79 -3.09 16.56
C LYS B 32 13.72 -3.21 15.34
N TYR B 33 13.15 -3.09 14.12
CA TYR B 33 13.88 -3.40 12.91
C TYR B 33 14.09 -2.25 11.95
N GLN B 34 13.24 -1.23 11.96
CA GLN B 34 13.26 -0.21 10.88
C GLN B 34 12.48 1.00 11.24
N ASN B 35 12.77 2.10 10.60
CA ASN B 35 11.95 3.28 10.72
C ASN B 35 10.71 3.17 9.83
N VAL B 36 9.57 3.48 10.40
CA VAL B 36 8.25 3.28 9.83
C VAL B 36 7.58 4.64 9.80
N LEU B 37 7.18 5.06 8.59
CA LEU B 37 6.50 6.26 8.31
C LEU B 37 5.29 6.03 7.45
N VAL B 38 4.16 6.58 7.90
CA VAL B 38 2.92 6.55 7.16
C VAL B 38 2.44 7.97 6.98
N PHE B 39 2.14 8.34 5.75
CA PHE B 39 1.62 9.66 5.49
C PHE B 39 0.53 9.66 4.42
N GLU B 40 -0.39 10.65 4.45
CA GLU B 40 -1.30 10.89 3.37
C GLU B 40 -0.61 11.86 2.40
N SER B 41 -0.38 11.39 1.16
CA SER B 41 0.12 12.25 0.10
C SER B 41 -1.06 13.01 -0.49
N THR B 42 -0.81 14.09 -1.23
CA THR B 42 -1.88 14.88 -1.84
C THR B 42 -2.50 14.14 -3.07
N THR B 43 -1.68 13.31 -3.75
CA THR B 43 -2.23 12.71 -5.01
C THR B 43 -2.12 11.20 -5.14
N TYR B 44 -1.41 10.52 -4.26
CA TYR B 44 -1.22 9.03 -4.35
C TYR B 44 -1.85 8.31 -3.17
N GLY B 45 -2.66 9.07 -2.44
CA GLY B 45 -3.28 8.47 -1.24
C GLY B 45 -2.29 8.22 -0.16
N LYS B 46 -2.62 7.28 0.74
CA LYS B 46 -1.71 6.93 1.81
C LYS B 46 -0.47 6.16 1.33
N VAL B 47 0.63 6.46 2.01
CA VAL B 47 1.90 5.92 1.69
C VAL B 47 2.62 5.29 2.83
N LEU B 48 3.16 4.10 2.58
CA LEU B 48 3.98 3.41 3.58
C LEU B 48 5.45 3.49 3.20
N VAL B 49 6.23 3.88 4.17
CA VAL B 49 7.73 4.14 4.01
C VAL B 49 8.48 3.39 5.06
N LEU B 50 9.48 2.65 4.64
CA LEU B 50 10.36 1.88 5.55
C LEU B 50 11.81 2.26 5.27
N ASP B 51 12.48 2.70 6.35
CA ASP B 51 13.88 3.15 6.22
C ASP B 51 14.00 4.13 5.03
N GLY B 52 13.12 5.11 4.94
CA GLY B 52 13.13 6.12 3.89
C GLY B 52 12.81 5.64 2.47
N VAL B 53 12.38 4.38 2.26
CA VAL B 53 12.07 3.84 0.92
C VAL B 53 10.55 3.60 0.86
N ILE B 54 9.90 4.11 -0.17
CA ILE B 54 8.49 3.77 -0.46
C ILE B 54 8.25 2.30 -0.62
N GLN B 55 7.36 1.77 0.16
CA GLN B 55 7.00 0.38 -0.01
C GLN B 55 5.72 0.25 -0.77
N LEU B 56 4.79 1.14 -0.52
CA LEU B 56 3.51 1.21 -1.25
C LEU B 56 2.81 2.52 -1.17
N THR B 57 1.98 2.79 -2.16
CA THR B 57 0.97 3.83 -2.11
C THR B 57 -0.39 3.22 -2.39
N GLU B 58 -1.45 3.82 -1.93
CA GLU B 58 -2.78 3.34 -2.25
C GLU B 58 -3.12 3.45 -3.75
N LYS B 59 -2.59 4.46 -4.43
CA LYS B 59 -2.96 4.70 -5.80
C LYS B 59 -2.48 3.56 -6.74
N ASP B 60 -1.30 3.02 -6.51
CA ASP B 60 -0.69 2.02 -7.45
C ASP B 60 -0.33 0.67 -6.92
N GLU B 61 -0.65 0.38 -5.68
CA GLU B 61 -0.15 -0.84 -5.05
C GLU B 61 -0.71 -2.10 -5.74
N PHE B 62 -1.88 -1.95 -6.31
CA PHE B 62 -2.55 -3.11 -7.02
C PHE B 62 -1.70 -3.66 -8.11
N ALA B 63 -0.93 -2.83 -8.82
CA ALA B 63 -0.11 -3.28 -9.94
C ALA B 63 0.90 -4.34 -9.45
N TYR B 64 1.62 -3.96 -8.37
CA TYR B 64 2.60 -4.82 -7.81
C TYR B 64 1.95 -6.10 -7.21
N HIS B 65 0.97 -5.88 -6.38
CA HIS B 65 0.36 -7.02 -5.66
C HIS B 65 -0.32 -7.98 -6.61
N GLU B 66 -0.97 -7.47 -7.66
CA GLU B 66 -1.67 -8.39 -8.58
C GLU B 66 -0.69 -9.14 -9.46
N MET B 67 0.36 -8.51 -9.97
CA MET B 67 1.32 -9.19 -10.89
C MET B 67 2.11 -10.22 -10.08
N MET B 68 2.56 -9.88 -8.85
CA MET B 68 3.31 -10.81 -8.06
C MET B 68 2.55 -12.03 -7.64
N THR B 69 1.25 -11.87 -7.47
CA THR B 69 0.36 -13.02 -7.09
C THR B 69 -0.21 -13.86 -8.24
N HIS B 70 -0.76 -13.18 -9.25
CA HIS B 70 -1.52 -13.86 -10.24
C HIS B 70 -0.63 -14.47 -11.29
N VAL B 71 0.62 -13.98 -11.47
CA VAL B 71 1.53 -14.71 -12.32
C VAL B 71 1.75 -16.17 -11.88
N PRO B 72 2.20 -16.43 -10.63
CA PRO B 72 2.41 -17.78 -10.25
C PRO B 72 1.11 -18.54 -10.00
N MET B 73 0.10 -17.85 -9.52
CA MET B 73 -1.14 -18.54 -9.11
C MET B 73 -1.94 -18.90 -10.32
N THR B 74 -1.70 -18.39 -11.52
CA THR B 74 -2.46 -18.88 -12.69
C THR B 74 -1.71 -19.94 -13.39
N VAL B 75 -0.48 -20.20 -12.97
CA VAL B 75 0.36 -21.24 -13.57
C VAL B 75 0.32 -22.49 -12.67
N SER B 76 0.47 -22.34 -11.36
CA SER B 76 0.39 -23.48 -10.45
C SER B 76 -1.03 -24.08 -10.56
N LYS B 77 -1.12 -25.39 -10.59
CA LYS B 77 -2.44 -26.02 -10.70
C LYS B 77 -2.78 -26.51 -9.29
N GLU B 78 -3.88 -26.08 -8.77
CA GLU B 78 -4.33 -26.64 -7.49
C GLU B 78 -3.38 -26.36 -6.37
N PRO B 79 -2.80 -25.16 -6.30
CA PRO B 79 -1.97 -24.88 -5.14
C PRO B 79 -2.78 -24.97 -3.80
N LYS B 80 -2.20 -25.60 -2.80
CA LYS B 80 -2.82 -25.86 -1.56
C LYS B 80 -2.13 -25.09 -0.45
N ASN B 81 -0.79 -24.95 -0.55
CA ASN B 81 0.00 -24.29 0.50
C ASN B 81 0.78 -23.16 -0.15
N VAL B 82 0.59 -21.91 0.29
CA VAL B 82 1.39 -20.82 -0.30
C VAL B 82 2.03 -20.03 0.86
N LEU B 83 3.25 -19.57 0.67
CA LEU B 83 3.89 -18.72 1.63
C LEU B 83 4.19 -17.37 1.01
N VAL B 84 3.95 -16.33 1.80
CA VAL B 84 4.42 -15.01 1.55
C VAL B 84 5.59 -14.75 2.50
N VAL B 85 6.69 -14.31 1.94
CA VAL B 85 7.83 -13.90 2.70
C VAL B 85 7.79 -12.39 2.67
N GLY B 86 7.83 -11.76 3.83
CA GLY B 86 7.72 -10.33 3.93
C GLY B 86 6.24 -9.99 3.78
N GLY B 87 5.93 -8.91 3.03
CA GLY B 87 4.51 -8.62 2.72
C GLY B 87 3.60 -8.30 3.90
N GLY B 88 4.17 -7.73 4.98
CA GLY B 88 3.38 -7.38 6.15
C GLY B 88 2.19 -6.50 5.90
N ASP B 89 2.18 -5.70 4.82
CA ASP B 89 1.04 -4.84 4.53
C ASP B 89 -0.20 -5.69 4.23
N GLY B 90 0.06 -6.91 3.70
CA GLY B 90 -1.02 -7.89 3.37
C GLY B 90 -1.59 -7.90 1.95
N GLY B 91 -1.03 -7.05 1.10
CA GLY B 91 -1.50 -6.90 -0.30
C GLY B 91 -1.40 -8.22 -1.05
N ILE B 92 -0.31 -8.94 -0.89
CA ILE B 92 -0.22 -10.29 -1.49
C ILE B 92 -1.31 -11.25 -0.92
N ILE B 93 -1.41 -11.27 0.42
CA ILE B 93 -2.48 -12.12 1.05
C ILE B 93 -3.81 -11.78 0.51
N ARG B 94 -4.13 -10.50 0.32
CA ARG B 94 -5.40 -10.07 -0.26
C ARG B 94 -5.72 -10.78 -1.62
N GLU B 95 -4.73 -10.82 -2.48
CA GLU B 95 -4.88 -11.36 -3.85
C GLU B 95 -4.93 -12.86 -3.74
N LEU B 96 -4.16 -13.40 -2.79
CA LEU B 96 -4.17 -14.91 -2.59
C LEU B 96 -5.56 -15.42 -2.10
N CYS B 97 -6.19 -14.65 -1.24
CA CYS B 97 -7.51 -15.06 -0.67
C CYS B 97 -8.56 -15.31 -1.74
N LYS B 98 -8.36 -14.70 -2.90
CA LYS B 98 -9.30 -14.81 -3.99
C LYS B 98 -9.36 -16.24 -4.57
N TYR B 99 -8.34 -17.06 -4.27
CA TYR B 99 -8.24 -18.42 -4.73
C TYR B 99 -8.89 -19.32 -3.72
N LYS B 100 -10.13 -19.73 -4.02
CA LYS B 100 -10.90 -20.48 -2.99
C LYS B 100 -10.33 -21.87 -2.64
N SER B 101 -9.62 -22.50 -3.52
CA SER B 101 -9.16 -23.79 -3.23
C SER B 101 -7.76 -23.86 -2.56
N VAL B 102 -7.09 -22.72 -2.31
CA VAL B 102 -5.87 -22.70 -1.45
C VAL B 102 -6.34 -23.02 0.01
N GLU B 103 -5.57 -23.88 0.65
CA GLU B 103 -5.90 -24.34 2.00
C GLU B 103 -5.26 -23.51 3.08
N ASN B 104 -3.94 -23.27 2.96
CA ASN B 104 -3.19 -22.56 4.01
C ASN B 104 -2.36 -21.46 3.31
N ILE B 105 -2.52 -20.26 3.76
CA ILE B 105 -1.68 -19.08 3.37
C ILE B 105 -0.87 -18.74 4.59
N ASP B 106 0.43 -19.01 4.55
CA ASP B 106 1.34 -18.74 5.62
C ASP B 106 2.10 -17.48 5.23
N ILE B 107 2.29 -16.57 6.19
CA ILE B 107 3.11 -15.38 5.94
C ILE B 107 4.16 -15.28 7.00
N CYS B 108 5.41 -14.92 6.59
CA CYS B 108 6.50 -14.80 7.55
C CYS B 108 7.05 -13.41 7.39
N GLU B 109 6.82 -12.53 8.36
CA GLU B 109 7.04 -11.12 8.32
C GLU B 109 7.92 -10.85 9.58
N ILE B 110 9.06 -10.20 9.44
CA ILE B 110 9.96 -9.99 10.56
C ILE B 110 9.45 -8.94 11.53
N ASP B 111 8.66 -8.01 11.03
CA ASP B 111 8.31 -6.80 11.74
C ASP B 111 6.83 -6.65 11.97
N GLU B 112 6.42 -7.03 13.18
CA GLU B 112 5.05 -7.06 13.48
C GLU B 112 4.39 -5.68 13.48
N THR B 113 5.16 -4.59 13.66
CA THR B 113 4.65 -3.25 13.61
C THR B 113 4.14 -2.88 12.20
N VAL B 114 4.70 -3.51 11.17
CA VAL B 114 4.23 -3.20 9.80
C VAL B 114 2.80 -3.77 9.64
N ILE B 115 2.58 -4.98 10.15
CA ILE B 115 1.20 -5.56 10.12
C ILE B 115 0.21 -4.67 10.85
N GLU B 116 0.57 -4.27 12.08
CA GLU B 116 -0.32 -3.38 12.87
C GLU B 116 -0.70 -2.10 12.19
N VAL B 117 0.29 -1.37 11.74
CA VAL B 117 0.08 -0.19 10.97
C VAL B 117 -0.71 -0.35 9.67
N SER B 118 -0.49 -1.46 8.98
CA SER B 118 -1.27 -1.73 7.83
C SER B 118 -2.75 -2.00 8.12
N LYS B 119 -3.02 -2.77 9.17
CA LYS B 119 -4.35 -2.98 9.67
C LYS B 119 -5.07 -1.66 10.09
N ILE B 120 -4.29 -0.71 10.56
CA ILE B 120 -4.87 0.56 11.03
C ILE B 120 -5.07 1.58 9.88
N TYR B 121 -4.04 1.78 9.06
CA TYR B 121 -4.07 2.80 8.05
C TYR B 121 -4.32 2.32 6.65
N PHE B 122 -4.23 1.02 6.34
CA PHE B 122 -4.39 0.61 4.94
C PHE B 122 -5.34 -0.56 4.93
N LYS B 123 -6.59 -0.30 5.29
CA LYS B 123 -7.58 -1.34 5.44
C LYS B 123 -7.92 -2.08 4.18
N ASN B 124 -7.92 -1.37 3.04
CA ASN B 124 -8.16 -2.02 1.77
C ASN B 124 -7.02 -2.93 1.28
N ILE B 125 -5.89 -2.86 1.94
CA ILE B 125 -4.74 -3.68 1.67
C ILE B 125 -4.63 -4.84 2.63
N SER B 126 -4.91 -4.60 3.91
CA SER B 126 -4.74 -5.56 5.00
C SER B 126 -5.97 -6.39 5.33
N CYS B 127 -6.96 -6.33 4.47
CA CYS B 127 -8.25 -6.94 4.72
C CYS B 127 -8.17 -8.49 4.74
N GLY B 128 -7.20 -9.08 4.04
CA GLY B 128 -7.02 -10.50 3.98
C GLY B 128 -6.63 -11.18 5.25
N TYR B 129 -6.13 -10.43 6.20
CA TYR B 129 -5.71 -10.99 7.44
C TYR B 129 -6.94 -11.66 8.19
N GLU B 130 -8.13 -11.25 7.83
CA GLU B 130 -9.36 -11.77 8.41
C GLU B 130 -9.68 -13.16 7.87
N ASP B 131 -9.06 -13.60 6.79
CA ASP B 131 -9.37 -14.87 6.23
C ASP B 131 -8.82 -15.94 7.19
N LYS B 132 -9.65 -16.93 7.50
CA LYS B 132 -9.27 -17.87 8.54
C LYS B 132 -8.24 -18.86 8.02
N ARG B 133 -7.87 -18.81 6.75
CA ARG B 133 -6.77 -19.65 6.23
C ARG B 133 -5.36 -19.05 6.45
N VAL B 134 -5.31 -17.80 6.88
CA VAL B 134 -4.07 -17.07 7.06
C VAL B 134 -3.37 -17.40 8.39
N ASN B 135 -2.12 -17.79 8.33
CA ASN B 135 -1.36 -18.04 9.55
C ASN B 135 -0.15 -17.10 9.48
N VAL B 136 0.04 -16.35 10.54
CA VAL B 136 1.10 -15.31 10.63
C VAL B 136 2.25 -15.79 11.49
N PHE B 137 3.47 -15.70 10.99
CA PHE B 137 4.66 -16.10 11.71
C PHE B 137 5.57 -14.82 11.75
N ILE B 138 5.95 -14.37 12.94
CA ILE B 138 6.76 -13.19 13.08
C ILE B 138 8.20 -13.65 13.25
N GLU B 139 9.02 -13.59 12.21
CA GLU B 139 10.31 -14.25 12.20
C GLU B 139 11.07 -13.78 10.97
N ASP B 140 12.40 -13.87 11.01
CA ASP B 140 13.22 -13.63 9.85
C ASP B 140 12.95 -14.83 8.95
N ALA B 141 12.49 -14.56 7.73
CA ALA B 141 12.21 -15.64 6.79
C ALA B 141 13.37 -16.53 6.52
N SER B 142 14.59 -16.02 6.62
CA SER B 142 15.76 -16.82 6.41
C SER B 142 15.87 -17.87 7.51
N LYS B 143 15.41 -17.53 8.67
CA LYS B 143 15.41 -18.52 9.80
C LYS B 143 14.18 -19.43 9.67
N PHE B 144 13.06 -18.81 9.31
CA PHE B 144 11.79 -19.61 9.12
C PHE B 144 11.93 -20.73 8.11
N LEU B 145 12.60 -20.44 6.99
CA LEU B 145 12.73 -21.41 5.92
C LEU B 145 13.85 -22.44 6.12
N GLU B 146 14.71 -22.25 7.10
CA GLU B 146 15.91 -23.07 7.22
C GLU B 146 15.57 -24.56 7.39
N ASN B 147 14.45 -24.88 8.01
CA ASN B 147 14.18 -26.30 8.19
C ASN B 147 12.96 -26.77 7.45
N VAL B 148 12.36 -25.93 6.59
CA VAL B 148 11.18 -26.41 5.86
C VAL B 148 11.49 -27.09 4.53
N THR B 149 10.81 -28.20 4.29
CA THR B 149 11.07 -28.92 3.07
C THR B 149 9.76 -29.42 2.47
N ASN B 150 9.67 -29.31 1.14
CA ASN B 150 8.63 -29.96 0.43
C ASN B 150 7.25 -29.63 0.91
N THR B 151 7.03 -28.34 1.13
CA THR B 151 5.81 -27.83 1.72
C THR B 151 4.97 -27.00 0.74
N TYR B 152 5.58 -26.00 0.11
CA TYR B 152 4.79 -24.94 -0.56
C TYR B 152 4.68 -25.12 -2.03
N ASP B 153 3.49 -24.87 -2.56
CA ASP B 153 3.23 -24.89 -3.99
C ASP B 153 3.73 -23.62 -4.69
N VAL B 154 3.64 -22.50 -3.98
CA VAL B 154 4.08 -21.19 -4.43
C VAL B 154 4.65 -20.50 -3.22
N ILE B 155 5.83 -19.88 -3.41
CA ILE B 155 6.38 -18.96 -2.47
C ILE B 155 6.56 -17.56 -3.15
N ILE B 156 6.00 -16.52 -2.56
CA ILE B 156 6.07 -15.15 -3.05
C ILE B 156 6.93 -14.36 -2.14
N VAL B 157 8.07 -13.87 -2.66
CA VAL B 157 9.00 -13.11 -1.78
C VAL B 157 8.74 -11.61 -2.03
N ASP B 158 8.00 -11.04 -1.10
CA ASP B 158 7.60 -9.68 -1.11
C ASP B 158 8.46 -8.90 -0.06
N SER B 159 9.73 -8.81 -0.32
CA SER B 159 10.66 -8.22 0.63
C SER B 159 10.79 -6.70 0.43
N SER B 160 11.31 -6.06 1.48
CA SER B 160 11.88 -4.75 1.32
C SER B 160 13.25 -4.94 0.66
N ASP B 161 13.95 -3.82 0.49
CA ASP B 161 15.23 -3.77 -0.26
C ASP B 161 16.44 -4.28 0.54
N PRO B 162 17.54 -4.64 -0.16
CA PRO B 162 18.63 -5.33 0.57
C PRO B 162 19.27 -4.62 1.77
N ILE B 163 19.08 -3.30 1.90
CA ILE B 163 19.54 -2.68 3.15
C ILE B 163 18.42 -2.57 4.16
N GLY B 164 18.71 -3.10 5.35
CA GLY B 164 17.68 -3.24 6.42
C GLY B 164 17.51 -4.76 6.65
N PRO B 165 16.38 -5.18 7.23
CA PRO B 165 16.24 -6.62 7.63
C PRO B 165 16.14 -7.57 6.48
N ALA B 166 15.89 -7.05 5.26
CA ALA B 166 15.78 -7.98 4.11
C ALA B 166 17.18 -8.39 3.59
N GLU B 167 18.25 -7.94 4.24
CA GLU B 167 19.60 -8.26 3.73
C GLU B 167 19.82 -9.80 3.57
N THR B 168 19.17 -10.58 4.42
CA THR B 168 19.28 -12.10 4.39
C THR B 168 18.55 -12.79 3.24
N LEU B 169 17.77 -11.98 2.51
CA LEU B 169 16.91 -12.53 1.45
C LEU B 169 17.41 -12.44 0.01
N PHE B 170 18.62 -11.92 -0.19
CA PHE B 170 19.13 -11.67 -1.55
C PHE B 170 20.45 -12.36 -1.78
N ASN B 171 20.56 -13.59 -1.30
CA ASN B 171 21.83 -14.34 -1.41
C ASN B 171 21.51 -15.75 -1.81
N GLN B 172 22.55 -16.50 -2.16
CA GLN B 172 22.40 -17.82 -2.71
C GLN B 172 21.78 -18.79 -1.71
N ASN B 173 22.16 -18.67 -0.47
CA ASN B 173 21.72 -19.57 0.60
C ASN B 173 20.18 -19.53 0.78
N PHE B 174 19.64 -18.32 0.68
CA PHE B 174 18.17 -18.12 0.74
C PHE B 174 17.47 -18.81 -0.40
N TYR B 175 18.02 -18.74 -1.59
CA TYR B 175 17.44 -19.40 -2.72
C TYR B 175 17.50 -20.91 -2.58
N GLU B 176 18.55 -21.42 -1.92
CA GLU B 176 18.55 -22.87 -1.71
C GLU B 176 17.41 -23.27 -0.79
N LYS B 177 17.21 -22.47 0.23
CA LYS B 177 16.10 -22.71 1.20
C LYS B 177 14.77 -22.66 0.50
N ILE B 178 14.55 -21.67 -0.35
CA ILE B 178 13.30 -21.56 -1.12
C ILE B 178 13.11 -22.81 -1.95
N TYR B 179 14.18 -23.19 -2.66
CA TYR B 179 14.09 -24.40 -3.50
C TYR B 179 13.65 -25.67 -2.69
N ASN B 180 14.26 -25.84 -1.56
CA ASN B 180 13.95 -26.99 -0.74
C ASN B 180 12.60 -26.92 -0.11
N ALA B 181 12.13 -25.70 0.18
CA ALA B 181 10.83 -25.54 0.80
C ALA B 181 9.67 -25.82 -0.12
N LEU B 182 9.87 -25.61 -1.38
CA LEU B 182 8.91 -25.94 -2.45
C LEU B 182 8.67 -27.40 -2.69
N LYS B 183 7.43 -27.71 -3.03
CA LYS B 183 7.09 -28.98 -3.66
C LYS B 183 7.91 -29.25 -4.93
N PRO B 184 7.95 -30.48 -5.40
CA PRO B 184 8.79 -30.82 -6.58
C PRO B 184 8.46 -30.03 -7.82
N ASN B 185 7.21 -29.62 -7.94
CA ASN B 185 6.71 -28.78 -9.04
C ASN B 185 6.31 -27.33 -8.57
N GLY B 186 6.88 -26.86 -7.48
CA GLY B 186 6.49 -25.57 -6.94
C GLY B 186 7.22 -24.37 -7.64
N TYR B 187 6.65 -23.20 -7.46
CA TYR B 187 7.21 -21.98 -8.06
C TYR B 187 7.56 -20.92 -7.04
N CYS B 188 8.58 -20.12 -7.31
CA CYS B 188 8.79 -18.94 -6.49
C CYS B 188 8.86 -17.70 -7.37
N VAL B 189 8.27 -16.64 -6.91
CA VAL B 189 8.56 -15.31 -7.52
C VAL B 189 9.03 -14.40 -6.44
N ALA B 190 9.96 -13.53 -6.81
CA ALA B 190 10.60 -12.57 -5.87
C ALA B 190 10.79 -11.20 -6.50
N GLN B 191 10.57 -10.15 -5.71
CA GLN B 191 10.77 -8.78 -6.11
C GLN B 191 12.23 -8.67 -6.44
N CYS B 192 12.55 -7.95 -7.53
CA CYS B 192 13.92 -7.97 -8.04
C CYS B 192 14.16 -6.58 -8.71
N GLU B 193 15.39 -6.19 -8.74
CA GLU B 193 15.82 -4.89 -9.12
C GLU B 193 15.21 -4.41 -10.43
N SER B 194 14.97 -3.12 -10.53
CA SER B 194 14.54 -2.47 -11.77
C SER B 194 15.55 -2.59 -12.86
N LEU B 195 15.09 -2.91 -14.06
CA LEU B 195 16.00 -3.02 -15.21
C LEU B 195 16.66 -1.73 -15.63
N TRP B 196 16.17 -0.62 -15.11
CA TRP B 196 16.77 0.70 -15.41
C TRP B 196 17.86 1.11 -14.42
N ILE B 197 18.10 0.34 -13.37
CA ILE B 197 19.04 0.71 -12.28
C ILE B 197 20.23 -0.30 -12.30
N HIS B 198 20.18 -1.44 -11.65
CA HIS B 198 21.39 -2.35 -11.58
C HIS B 198 21.10 -3.66 -12.21
N VAL B 199 21.31 -3.63 -13.52
CA VAL B 199 21.28 -4.83 -14.24
C VAL B 199 22.26 -5.88 -13.66
N GLY B 200 23.43 -5.51 -13.14
CA GLY B 200 24.33 -6.48 -12.54
C GLY B 200 23.72 -7.30 -11.38
N THR B 201 22.90 -6.66 -10.58
CA THR B 201 22.16 -7.30 -9.52
C THR B 201 21.17 -8.30 -10.05
N ILE B 202 20.40 -7.93 -11.09
CA ILE B 202 19.50 -8.87 -11.74
C ILE B 202 20.27 -10.11 -12.21
N LYS B 203 21.39 -9.89 -12.88
CA LYS B 203 22.16 -11.00 -13.40
C LYS B 203 22.66 -11.89 -12.21
N ASN B 204 23.03 -11.29 -11.10
CA ASN B 204 23.47 -12.03 -9.92
C ASN B 204 22.35 -12.91 -9.36
N MET B 205 21.16 -12.31 -9.26
CA MET B 205 20.03 -13.01 -8.75
C MET B 205 19.59 -14.13 -9.70
N ILE B 206 19.54 -13.92 -11.01
CA ILE B 206 19.22 -14.98 -11.94
C ILE B 206 20.23 -16.12 -11.77
N GLY B 207 21.49 -15.75 -11.64
CA GLY B 207 22.54 -16.76 -11.47
C GLY B 207 22.39 -17.54 -10.17
N TYR B 208 21.98 -16.95 -9.08
CA TYR B 208 21.79 -17.74 -7.84
C TYR B 208 20.63 -18.69 -8.07
N ALA B 209 19.55 -18.21 -8.70
CA ALA B 209 18.43 -19.11 -8.96
C ALA B 209 18.73 -20.24 -9.94
N LYS B 210 19.54 -19.97 -10.94
CA LYS B 210 19.74 -20.94 -12.01
C LYS B 210 20.63 -22.08 -11.48
N LYS B 211 21.37 -21.89 -10.39
CA LYS B 211 22.08 -23.03 -9.76
C LYS B 211 21.12 -24.13 -9.30
N LEU B 212 19.84 -23.80 -9.11
CA LEU B 212 18.90 -24.71 -8.47
C LEU B 212 17.73 -25.01 -9.27
N PHE B 213 17.20 -23.96 -9.88
CA PHE B 213 15.98 -24.09 -10.61
C PHE B 213 16.17 -24.37 -12.09
N LYS B 214 15.30 -25.19 -12.66
CA LYS B 214 15.36 -25.52 -14.09
C LYS B 214 15.04 -24.38 -15.05
N LYS B 215 14.15 -23.48 -14.66
CA LYS B 215 13.74 -22.35 -15.48
C LYS B 215 13.63 -21.08 -14.64
N VAL B 216 14.39 -20.09 -15.03
CA VAL B 216 14.45 -18.81 -14.33
C VAL B 216 14.16 -17.71 -15.35
N GLU B 217 13.20 -16.83 -15.06
CA GLU B 217 12.66 -15.86 -16.03
C GLU B 217 12.55 -14.54 -15.26
N TYR B 218 12.36 -13.47 -15.99
CA TYR B 218 12.31 -12.15 -15.37
C TYR B 218 11.21 -11.41 -16.02
N ALA B 219 10.32 -10.74 -15.21
CA ALA B 219 9.24 -9.96 -15.73
C ALA B 219 9.34 -8.54 -15.14
N ASN B 220 8.70 -7.60 -15.83
CA ASN B 220 8.68 -6.17 -15.42
C ASN B 220 7.25 -5.75 -15.07
N ILE B 221 7.10 -4.89 -14.06
CA ILE B 221 5.76 -4.36 -13.72
C ILE B 221 5.94 -2.82 -13.69
N SER B 222 4.99 -2.09 -14.25
CA SER B 222 4.91 -0.64 -14.22
C SER B 222 4.32 -0.21 -12.93
N ILE B 223 5.09 0.53 -12.18
CA ILE B 223 4.58 1.10 -10.94
C ILE B 223 5.26 2.41 -10.58
N PRO B 224 4.50 3.50 -10.59
CA PRO B 224 5.21 4.82 -10.67
C PRO B 224 5.96 5.26 -9.42
N THR B 225 5.67 4.62 -8.30
CA THR B 225 6.26 5.06 -7.05
C THR B 225 7.41 4.25 -6.57
N TYR B 226 7.87 3.29 -7.36
CA TYR B 226 9.16 2.66 -7.14
C TYR B 226 10.20 3.33 -8.04
N PRO B 227 11.47 3.36 -7.61
CA PRO B 227 12.44 4.08 -8.40
C PRO B 227 12.52 3.64 -9.86
N CYS B 228 12.52 4.57 -10.80
CA CYS B 228 12.52 4.31 -12.24
C CYS B 228 11.14 3.87 -12.79
N GLY B 229 10.16 3.80 -11.90
CA GLY B 229 8.76 3.56 -12.28
C GLY B 229 8.50 2.13 -12.64
N CYS B 230 9.35 1.24 -12.20
CA CYS B 230 9.12 -0.18 -12.49
C CYS B 230 9.84 -1.08 -11.50
N ILE B 231 9.45 -2.35 -11.42
CA ILE B 231 10.15 -3.27 -10.58
C ILE B 231 10.10 -4.62 -11.31
N GLY B 232 11.08 -5.42 -11.06
CA GLY B 232 11.19 -6.75 -11.63
C GLY B 232 10.55 -7.82 -10.75
N ILE B 233 10.23 -8.94 -11.39
CA ILE B 233 9.92 -10.17 -10.74
C ILE B 233 10.81 -11.25 -11.21
N LEU B 234 11.59 -11.82 -10.29
CA LEU B 234 12.42 -12.99 -10.57
C LEU B 234 11.48 -14.22 -10.44
N CYS B 235 11.39 -15.02 -11.48
CA CYS B 235 10.40 -16.08 -11.57
C CYS B 235 11.18 -17.39 -11.64
N CYS B 236 10.93 -18.29 -10.71
CA CYS B 236 11.73 -19.52 -10.59
C CYS B 236 10.84 -20.73 -10.67
N SER B 237 11.16 -21.65 -11.58
CA SER B 237 10.29 -22.81 -11.77
C SER B 237 11.14 -24.08 -11.71
N LYS B 238 10.56 -25.15 -11.16
CA LYS B 238 11.28 -26.41 -11.04
C LYS B 238 11.02 -27.26 -12.26
N THR B 239 9.96 -26.91 -12.99
CA THR B 239 9.58 -27.55 -14.23
C THR B 239 10.15 -26.77 -15.40
N ASP B 240 10.20 -27.38 -16.57
CA ASP B 240 10.73 -26.71 -17.77
C ASP B 240 9.84 -25.67 -18.41
N THR B 241 8.54 -25.79 -18.19
CA THR B 241 7.56 -24.92 -18.83
C THR B 241 7.54 -23.44 -18.29
N GLY B 242 8.04 -23.22 -17.09
CA GLY B 242 8.17 -21.84 -16.55
C GLY B 242 6.90 -21.09 -16.24
N LEU B 243 6.99 -19.77 -16.13
CA LEU B 243 5.90 -18.99 -15.56
C LEU B 243 5.34 -17.95 -16.56
N THR B 244 5.76 -18.03 -17.84
CA THR B 244 5.28 -17.00 -18.84
C THR B 244 3.85 -17.10 -19.38
N LYS B 245 3.21 -18.23 -19.23
CA LYS B 245 1.94 -18.49 -19.81
C LYS B 245 0.97 -19.02 -18.79
N PRO B 246 -0.07 -18.29 -18.55
CA PRO B 246 -1.04 -18.77 -17.58
C PRO B 246 -1.77 -20.04 -18.08
N ASN B 247 -2.15 -20.90 -17.15
CA ASN B 247 -2.95 -22.16 -17.43
C ASN B 247 -4.39 -21.92 -17.23
N LYS B 248 -4.78 -20.77 -16.68
CA LYS B 248 -6.14 -20.47 -16.50
C LYS B 248 -6.43 -18.99 -16.50
N LYS B 249 -7.69 -18.68 -16.73
CA LYS B 249 -8.24 -17.38 -16.77
C LYS B 249 -8.96 -17.13 -15.49
N LEU B 250 -8.81 -15.93 -14.97
CA LEU B 250 -9.40 -15.53 -13.69
C LEU B 250 -10.75 -14.97 -14.02
N GLU B 251 -11.70 -15.87 -14.07
CA GLU B 251 -13.05 -15.55 -14.52
C GLU B 251 -14.08 -15.50 -13.43
N SER B 252 -13.80 -16.03 -12.26
CA SER B 252 -14.83 -16.03 -11.19
C SER B 252 -14.97 -14.67 -10.57
N LYS B 253 -15.99 -14.47 -9.74
CA LYS B 253 -16.35 -13.13 -9.23
C LYS B 253 -15.29 -12.43 -8.33
N GLU B 254 -14.51 -13.22 -7.59
CA GLU B 254 -13.43 -12.70 -6.74
C GLU B 254 -12.40 -11.88 -7.57
N PHE B 255 -12.29 -12.23 -8.85
CA PHE B 255 -11.34 -11.62 -9.79
C PHE B 255 -11.93 -10.55 -10.71
N ALA B 256 -13.21 -10.20 -10.54
CA ALA B 256 -13.88 -9.28 -11.48
C ALA B 256 -13.26 -7.86 -11.50
N ASP B 257 -12.85 -7.40 -10.33
CA ASP B 257 -12.41 -6.08 -10.02
C ASP B 257 -10.87 -5.93 -10.17
N LEU B 258 -10.19 -6.91 -10.74
CA LEU B 258 -8.70 -6.68 -10.85
C LEU B 258 -8.49 -5.37 -11.64
N LYS B 259 -7.42 -4.69 -11.30
CA LYS B 259 -7.12 -3.41 -11.88
C LYS B 259 -5.85 -3.37 -12.72
N TYR B 260 -5.08 -4.45 -12.74
CA TYR B 260 -3.91 -4.52 -13.55
C TYR B 260 -3.77 -5.79 -14.33
N TYR B 261 -3.65 -6.90 -13.62
CA TYR B 261 -3.45 -8.16 -14.19
C TYR B 261 -4.61 -8.56 -15.17
N ASN B 262 -4.22 -9.16 -16.29
CA ASN B 262 -5.16 -9.94 -17.08
C ASN B 262 -4.37 -10.96 -17.84
N TYR B 263 -5.08 -11.84 -18.57
CA TYR B 263 -4.43 -12.93 -19.25
C TYR B 263 -3.31 -12.50 -20.22
N GLU B 264 -3.56 -11.46 -21.02
CA GLU B 264 -2.63 -11.06 -22.03
C GLU B 264 -1.46 -10.39 -21.38
N ASN B 265 -1.74 -9.60 -20.36
CA ASN B 265 -0.59 -8.87 -19.80
C ASN B 265 0.38 -9.65 -18.95
N HIS B 266 -0.08 -10.83 -18.58
CA HIS B 266 0.75 -11.82 -17.94
C HIS B 266 1.90 -12.13 -18.81
N SER B 267 1.69 -12.57 -20.07
CA SER B 267 2.79 -12.94 -20.93
C SER B 267 3.58 -11.69 -21.35
N ALA B 268 2.90 -10.59 -21.51
CA ALA B 268 3.57 -9.35 -21.97
C ALA B 268 4.58 -8.89 -21.02
N ALA B 269 4.35 -9.16 -19.74
CA ALA B 269 5.29 -8.74 -18.71
C ALA B 269 6.71 -9.26 -18.85
N PHE B 270 6.87 -10.39 -19.52
CA PHE B 270 8.15 -11.01 -19.78
C PHE B 270 8.79 -10.67 -21.13
N LYS B 271 8.19 -9.73 -21.87
CA LYS B 271 8.81 -9.24 -23.10
C LYS B 271 9.58 -7.97 -22.76
N LEU B 272 10.88 -8.13 -22.62
CA LEU B 272 11.71 -7.14 -21.98
C LEU B 272 12.48 -6.33 -23.02
N PRO B 273 12.86 -5.08 -22.70
CA PRO B 273 13.69 -4.39 -23.67
C PRO B 273 14.90 -5.18 -24.21
N ALA B 274 15.21 -4.96 -25.50
CA ALA B 274 16.27 -5.69 -26.18
C ALA B 274 17.62 -5.62 -25.40
N PHE B 275 17.97 -4.50 -24.79
CA PHE B 275 19.27 -4.41 -24.11
C PHE B 275 19.34 -5.36 -22.90
N LEU B 276 18.20 -5.61 -22.24
CA LEU B 276 18.19 -6.44 -21.04
C LEU B 276 18.32 -7.89 -21.41
N LEU B 277 17.53 -8.27 -22.41
CA LEU B 277 17.59 -9.61 -23.02
C LEU B 277 19.02 -9.95 -23.37
N LYS B 278 19.69 -9.02 -24.06
CA LYS B 278 21.06 -9.26 -24.36
C LYS B 278 21.95 -9.44 -23.09
N GLU B 279 21.77 -8.60 -22.06
CA GLU B 279 22.53 -8.77 -20.84
C GLU B 279 22.25 -10.06 -20.09
N ILE B 280 21.04 -10.57 -20.15
CA ILE B 280 20.73 -11.78 -19.37
C ILE B 280 20.80 -13.08 -20.18
N GLU B 281 20.66 -13.02 -21.49
CA GLU B 281 21.02 -14.17 -22.33
C GLU B 281 22.52 -14.51 -22.13
N ASN B 282 23.33 -13.47 -21.99
CA ASN B 282 24.78 -13.61 -21.84
C ASN B 282 25.35 -12.49 -20.96
N LYS C 3 26.62 20.19 -4.84
CA LYS C 3 25.84 19.79 -6.10
C LYS C 3 24.34 19.96 -5.95
N LYS C 4 23.80 20.71 -6.89
CA LYS C 4 22.46 21.16 -6.96
C LYS C 4 21.64 19.97 -7.61
N TRP C 5 20.34 20.02 -7.39
CA TRP C 5 19.43 19.10 -8.06
C TRP C 5 18.51 19.86 -8.98
N PHE C 6 18.13 19.19 -10.09
CA PHE C 6 17.06 19.62 -10.92
C PHE C 6 15.77 18.84 -10.56
N SER C 7 14.66 19.53 -10.32
CA SER C 7 13.39 18.85 -9.91
C SER C 7 12.34 19.21 -10.96
N GLU C 8 11.57 18.21 -11.40
CA GLU C 8 10.60 18.41 -12.49
C GLU C 8 9.21 18.56 -11.94
N PHE C 9 8.75 19.81 -11.81
CA PHE C 9 7.41 20.05 -11.29
C PHE C 9 6.58 20.48 -12.42
N SER C 10 5.28 20.14 -12.36
CA SER C 10 4.33 20.60 -13.34
C SER C 10 2.90 20.46 -12.84
N ILE C 11 2.06 21.37 -13.28
CA ILE C 11 0.57 21.23 -13.00
C ILE C 11 0.01 20.04 -13.70
N MET C 12 0.70 19.46 -14.67
CA MET C 12 0.26 18.24 -15.35
C MET C 12 0.53 17.00 -14.50
N TRP C 13 1.30 17.17 -13.44
CA TRP C 13 1.58 16.05 -12.49
C TRP C 13 1.67 16.61 -11.05
N PRO C 14 0.54 17.14 -10.57
CA PRO C 14 0.59 17.74 -9.23
C PRO C 14 0.91 16.72 -8.14
N GLY C 15 1.66 17.18 -7.15
CA GLY C 15 1.94 16.36 -5.96
C GLY C 15 3.01 15.34 -6.12
N GLN C 16 3.71 15.36 -7.26
CA GLN C 16 4.87 14.53 -7.46
C GLN C 16 5.97 15.26 -8.17
N ALA C 17 7.18 14.75 -7.98
CA ALA C 17 8.34 15.22 -8.74
C ALA C 17 9.46 14.32 -8.79
N PHE C 18 10.05 14.26 -9.96
CA PHE C 18 11.23 13.51 -10.15
C PHE C 18 12.41 14.52 -10.20
N SER C 19 13.51 14.12 -9.63
CA SER C 19 14.73 15.01 -9.60
C SER C 19 15.95 14.26 -10.05
N LEU C 20 16.91 15.01 -10.60
CA LEU C 20 18.16 14.47 -11.08
C LEU C 20 19.30 15.43 -10.55
N LYS C 21 20.32 14.79 -10.07
CA LYS C 21 21.54 15.48 -9.59
C LYS C 21 22.31 16.04 -10.76
N ILE C 22 22.69 17.31 -10.62
CA ILE C 22 23.26 18.07 -11.73
C ILE C 22 24.77 18.07 -11.59
N LYS C 23 25.45 17.53 -12.55
CA LYS C 23 26.88 17.62 -12.62
C LYS C 23 27.29 19.01 -13.03
N LYS C 24 26.77 19.45 -14.18
CA LYS C 24 26.93 20.84 -14.57
C LYS C 24 25.91 21.30 -15.55
N ILE C 25 25.61 22.59 -15.42
CA ILE C 25 24.75 23.28 -16.34
C ILE C 25 25.48 23.65 -17.62
N LEU C 26 24.92 23.28 -18.78
CA LEU C 26 25.60 23.47 -20.01
C LEU C 26 25.07 24.65 -20.77
N TYR C 27 23.76 24.96 -20.66
CA TYR C 27 23.10 25.95 -21.56
C TYR C 27 21.73 26.26 -21.09
N GLU C 28 21.36 27.53 -21.15
CA GLU C 28 20.06 28.01 -20.66
C GLU C 28 19.74 29.24 -21.41
N THR C 29 18.56 29.31 -21.98
CA THR C 29 18.19 30.44 -22.83
C THR C 29 16.70 30.44 -22.93
N LYS C 30 16.12 31.62 -23.12
CA LYS C 30 14.71 31.71 -23.47
C LYS C 30 14.62 31.83 -25.00
N SER C 31 13.98 30.88 -25.70
CA SER C 31 13.84 30.98 -27.15
C SER C 31 12.63 31.85 -27.44
N LYS C 32 12.20 31.93 -28.69
CA LYS C 32 10.97 32.71 -28.98
C LYS C 32 9.80 32.00 -28.35
N TYR C 33 9.93 30.69 -28.10
CA TYR C 33 8.75 29.88 -27.64
C TYR C 33 8.81 29.32 -26.25
N GLN C 34 10.02 29.00 -25.78
CA GLN C 34 10.10 28.31 -24.51
C GLN C 34 11.45 28.49 -23.84
N ASN C 35 11.47 28.14 -22.59
CA ASN C 35 12.69 28.12 -21.81
C ASN C 35 13.45 26.84 -22.06
N VAL C 36 14.67 26.99 -22.53
CA VAL C 36 15.51 25.89 -22.91
C VAL C 36 16.63 25.70 -21.91
N LEU C 37 16.77 24.46 -21.41
CA LEU C 37 17.82 24.08 -20.47
C LEU C 37 18.46 22.81 -20.85
N VAL C 38 19.78 22.77 -20.85
CA VAL C 38 20.54 21.54 -21.07
C VAL C 38 21.49 21.47 -19.87
N PHE C 39 21.56 20.30 -19.23
CA PHE C 39 22.50 20.08 -18.20
C PHE C 39 23.05 18.69 -18.24
N GLU C 40 24.23 18.49 -17.68
CA GLU C 40 24.74 17.15 -17.56
C GLU C 40 24.36 16.64 -16.16
N SER C 41 23.60 15.50 -16.13
CA SER C 41 23.25 14.85 -14.87
C SER C 41 24.40 13.95 -14.44
N THR C 42 24.38 13.52 -13.18
CA THR C 42 25.39 12.61 -12.71
C THR C 42 25.16 11.20 -13.14
N THR C 43 23.92 10.76 -13.43
CA THR C 43 23.76 9.35 -13.80
C THR C 43 22.96 9.02 -15.07
N TYR C 44 22.41 10.01 -15.73
CA TYR C 44 21.63 9.84 -16.95
C TYR C 44 22.25 10.53 -18.15
N GLY C 45 23.49 11.07 -17.96
CA GLY C 45 24.02 11.87 -19.01
C GLY C 45 23.41 13.22 -19.21
N LYS C 46 23.58 13.76 -20.41
CA LYS C 46 22.97 15.05 -20.66
C LYS C 46 21.46 14.96 -20.83
N VAL C 47 20.81 16.01 -20.45
CA VAL C 47 19.35 16.11 -20.28
C VAL C 47 18.90 17.44 -20.95
N LEU C 48 17.86 17.35 -21.81
CA LEU C 48 17.21 18.46 -22.45
C LEU C 48 15.93 18.74 -21.72
N VAL C 49 15.73 19.99 -21.29
CA VAL C 49 14.60 20.42 -20.58
C VAL C 49 13.90 21.62 -21.29
N LEU C 50 12.58 21.56 -21.44
CA LEU C 50 11.84 22.59 -22.08
C LEU C 50 10.69 23.02 -21.17
N ASP C 51 10.60 24.32 -20.87
CA ASP C 51 9.66 24.87 -19.89
C ASP C 51 9.66 24.04 -18.59
N GLY C 52 10.83 23.58 -18.11
CA GLY C 52 10.89 22.92 -16.82
C GLY C 52 10.49 21.41 -16.87
N VAL C 53 10.28 20.92 -18.09
CA VAL C 53 9.94 19.52 -18.33
C VAL C 53 11.00 18.77 -19.09
N ILE C 54 11.41 17.62 -18.53
CA ILE C 54 12.39 16.76 -19.19
C ILE C 54 11.87 16.22 -20.56
N GLN C 55 12.61 16.53 -21.61
CA GLN C 55 12.34 15.99 -22.97
C GLN C 55 13.08 14.77 -23.24
N LEU C 56 14.31 14.66 -22.82
CA LEU C 56 15.08 13.45 -23.05
C LEU C 56 16.31 13.46 -22.18
N THR C 57 16.83 12.28 -21.95
CA THR C 57 18.14 12.13 -21.37
C THR C 57 18.91 11.20 -22.22
N GLU C 58 20.23 11.33 -22.21
CA GLU C 58 21.04 10.35 -23.00
C GLU C 58 20.86 8.89 -22.65
N LYS C 59 20.56 8.56 -21.41
CA LYS C 59 20.71 7.20 -20.95
C LYS C 59 19.46 6.39 -21.47
N ASP C 60 18.31 7.03 -21.50
CA ASP C 60 17.04 6.27 -21.81
C ASP C 60 16.25 6.72 -23.03
N GLU C 61 16.79 7.63 -23.79
CA GLU C 61 16.07 8.23 -24.93
C GLU C 61 15.75 7.20 -25.99
N PHE C 62 16.56 6.15 -26.11
CA PHE C 62 16.35 5.17 -27.11
C PHE C 62 14.99 4.45 -26.90
N ALA C 63 14.57 4.31 -25.66
CA ALA C 63 13.25 3.59 -25.51
C ALA C 63 12.13 4.35 -26.19
N TYR C 64 12.03 5.67 -25.97
CA TYR C 64 10.97 6.41 -26.57
C TYR C 64 11.15 6.56 -28.10
N HIS C 65 12.34 6.89 -28.57
CA HIS C 65 12.57 7.10 -29.99
C HIS C 65 12.41 5.84 -30.83
N GLU C 66 12.80 4.74 -30.24
CA GLU C 66 12.70 3.49 -30.96
C GLU C 66 11.25 3.01 -31.00
N MET C 67 10.53 3.14 -29.92
CA MET C 67 9.14 2.63 -29.96
C MET C 67 8.25 3.50 -30.86
N MET C 68 8.42 4.81 -30.77
CA MET C 68 7.71 5.78 -31.53
C MET C 68 7.93 5.59 -33.02
N THR C 69 9.14 5.18 -33.42
CA THR C 69 9.48 5.10 -34.76
C THR C 69 9.15 3.71 -35.32
N HIS C 70 9.57 2.67 -34.64
CA HIS C 70 9.59 1.36 -35.28
C HIS C 70 8.20 0.69 -35.17
N VAL C 71 7.35 1.12 -34.26
CA VAL C 71 5.99 0.57 -34.31
C VAL C 71 5.31 0.91 -35.67
N PRO C 72 5.20 2.17 -36.07
CA PRO C 72 4.53 2.37 -37.37
C PRO C 72 5.36 1.94 -38.58
N MET C 73 6.69 2.14 -38.51
CA MET C 73 7.55 1.82 -39.63
C MET C 73 7.60 0.28 -39.94
N THR C 74 7.39 -0.61 -38.95
CA THR C 74 7.32 -2.02 -39.26
C THR C 74 5.94 -2.48 -39.70
N VAL C 75 4.92 -1.65 -39.56
CA VAL C 75 3.59 -2.03 -39.98
C VAL C 75 3.34 -1.54 -41.45
N SER C 76 3.62 -0.25 -41.70
CA SER C 76 3.53 0.34 -43.02
C SER C 76 4.44 -0.53 -43.92
N LYS C 77 3.87 -1.02 -45.02
CA LYS C 77 4.62 -1.94 -45.93
C LYS C 77 5.80 -1.33 -46.66
N GLU C 78 5.54 -0.22 -47.36
CA GLU C 78 6.63 0.42 -48.11
C GLU C 78 6.57 1.93 -47.90
N PRO C 79 6.85 2.42 -46.68
CA PRO C 79 6.74 3.85 -46.32
C PRO C 79 7.85 4.59 -47.03
N LYS C 80 7.50 5.56 -47.87
CA LYS C 80 8.52 6.37 -48.61
C LYS C 80 8.65 7.77 -48.16
N ASN C 81 7.55 8.35 -47.68
CA ASN C 81 7.56 9.74 -47.25
C ASN C 81 6.99 9.84 -45.84
N VAL C 82 7.78 10.40 -44.93
CA VAL C 82 7.41 10.34 -43.52
C VAL C 82 7.54 11.74 -43.00
N LEU C 83 6.60 12.11 -42.17
CA LEU C 83 6.62 13.42 -41.48
C LEU C 83 6.88 13.21 -39.99
N VAL C 84 7.82 13.99 -39.44
CA VAL C 84 7.95 14.10 -37.96
C VAL C 84 7.43 15.48 -37.56
N VAL C 85 6.52 15.52 -36.63
CA VAL C 85 6.05 16.72 -36.01
C VAL C 85 6.73 16.86 -34.70
N GLY C 86 7.26 18.08 -34.45
CA GLY C 86 8.09 18.28 -33.26
C GLY C 86 9.41 17.54 -33.47
N GLY C 87 9.90 16.85 -32.43
CA GLY C 87 11.13 16.06 -32.62
C GLY C 87 12.43 16.81 -32.94
N GLY C 88 12.50 18.04 -32.49
CA GLY C 88 13.69 18.86 -32.78
C GLY C 88 15.00 18.26 -32.43
N ASP C 89 15.06 17.46 -31.34
CA ASP C 89 16.28 16.81 -30.97
C ASP C 89 16.83 15.89 -32.06
N GLY C 90 15.99 15.38 -32.93
CA GLY C 90 16.43 14.51 -33.97
C GLY C 90 16.28 12.99 -33.77
N GLY C 91 15.88 12.55 -32.56
CA GLY C 91 15.92 11.12 -32.25
C GLY C 91 15.07 10.37 -33.23
N ILE C 92 13.87 10.87 -33.49
CA ILE C 92 12.96 10.07 -34.42
C ILE C 92 13.59 10.03 -35.83
N ILE C 93 14.15 11.16 -36.25
CA ILE C 93 14.85 11.17 -37.52
C ILE C 93 15.98 10.17 -37.59
N ARG C 94 16.76 10.03 -36.47
CA ARG C 94 17.85 9.04 -36.45
C ARG C 94 17.30 7.63 -36.72
N GLU C 95 16.20 7.31 -36.04
CA GLU C 95 15.61 5.96 -36.21
C GLU C 95 15.06 5.75 -37.63
N LEU C 96 14.45 6.76 -38.17
CA LEU C 96 13.92 6.72 -39.52
C LEU C 96 14.99 6.54 -40.58
N CYS C 97 16.15 7.18 -40.39
CA CYS C 97 17.22 7.07 -41.40
C CYS C 97 17.72 5.65 -41.54
N LYS C 98 17.50 4.80 -40.51
CA LYS C 98 17.91 3.42 -40.60
C LYS C 98 17.21 2.67 -41.71
N TYR C 99 16.04 3.13 -42.14
CA TYR C 99 15.29 2.47 -43.20
C TYR C 99 15.84 3.01 -44.53
N LYS C 100 16.71 2.25 -45.15
CA LYS C 100 17.31 2.73 -46.44
C LYS C 100 16.23 3.00 -47.52
N SER C 101 15.07 2.35 -47.43
CA SER C 101 14.01 2.47 -48.44
C SER C 101 13.16 3.71 -48.34
N VAL C 102 13.29 4.42 -47.21
CA VAL C 102 12.61 5.69 -47.09
C VAL C 102 13.21 6.66 -48.11
N GLU C 103 12.36 7.39 -48.80
CA GLU C 103 12.81 8.42 -49.78
C GLU C 103 12.91 9.81 -49.27
N ASN C 104 12.01 10.18 -48.39
CA ASN C 104 11.98 11.55 -47.92
C ASN C 104 11.50 11.63 -46.42
N ILE C 105 12.11 12.52 -45.66
CA ILE C 105 11.74 12.75 -44.27
C ILE C 105 11.58 14.21 -44.11
N ASP C 106 10.39 14.65 -43.85
CA ASP C 106 10.12 15.98 -43.49
C ASP C 106 10.01 16.09 -41.98
N ILE C 107 10.56 17.16 -41.43
CA ILE C 107 10.36 17.48 -40.00
C ILE C 107 9.84 18.89 -39.88
N CYS C 108 8.76 19.01 -39.15
CA CYS C 108 8.21 20.30 -38.76
C CYS C 108 8.34 20.62 -37.31
N GLU C 109 9.25 21.55 -36.94
CA GLU C 109 9.55 21.78 -35.55
C GLU C 109 9.35 23.33 -35.34
N ILE C 110 8.62 23.69 -34.33
CA ILE C 110 8.24 25.07 -34.15
C ILE C 110 9.44 25.96 -33.71
N ASP C 111 10.31 25.37 -32.94
CA ASP C 111 11.41 26.08 -32.22
C ASP C 111 12.80 25.68 -32.73
N GLU C 112 13.33 26.51 -33.61
CA GLU C 112 14.62 26.18 -34.19
C GLU C 112 15.78 26.17 -33.18
N THR C 113 15.66 26.87 -32.08
CA THR C 113 16.68 26.78 -30.98
C THR C 113 16.84 25.37 -30.49
N VAL C 114 15.79 24.57 -30.52
CA VAL C 114 15.93 23.21 -30.06
C VAL C 114 16.74 22.35 -31.00
N ILE C 115 16.57 22.50 -32.30
CA ILE C 115 17.40 21.84 -33.27
C ILE C 115 18.92 22.32 -33.10
N GLU C 116 19.12 23.61 -32.98
CA GLU C 116 20.51 24.20 -32.74
C GLU C 116 21.19 23.57 -31.52
N VAL C 117 20.49 23.56 -30.40
CA VAL C 117 20.97 22.97 -29.15
C VAL C 117 21.25 21.46 -29.29
N SER C 118 20.39 20.73 -30.02
CA SER C 118 20.63 19.35 -30.20
C SER C 118 21.86 19.00 -31.01
N LYS C 119 22.13 19.87 -31.99
CA LYS C 119 23.35 19.72 -32.78
C LYS C 119 24.58 19.95 -31.94
N ILE C 120 24.49 20.85 -31.01
CA ILE C 120 25.65 21.24 -30.14
C ILE C 120 25.88 20.16 -29.01
N TYR C 121 24.81 19.78 -28.32
CA TYR C 121 24.94 18.98 -27.11
C TYR C 121 24.47 17.55 -27.20
N PHE C 122 23.81 17.15 -28.29
CA PHE C 122 23.27 15.80 -28.40
C PHE C 122 23.56 15.17 -29.75
N LYS C 123 24.85 15.12 -30.10
CA LYS C 123 25.23 14.69 -31.43
C LYS C 123 24.87 13.23 -31.74
N ASN C 124 24.77 12.37 -30.71
CA ASN C 124 24.36 11.02 -30.97
C ASN C 124 22.81 10.93 -31.21
N ILE C 125 22.09 12.00 -30.98
CA ILE C 125 20.63 12.04 -31.18
C ILE C 125 20.37 12.81 -32.48
N SER C 126 21.11 13.91 -32.70
CA SER C 126 20.87 14.80 -33.83
C SER C 126 21.61 14.48 -35.15
N CYS C 127 22.19 13.28 -35.26
CA CYS C 127 23.09 12.91 -36.34
C CYS C 127 22.37 12.72 -37.69
N GLY C 128 21.04 12.50 -37.65
CA GLY C 128 20.28 12.30 -38.87
C GLY C 128 20.05 13.60 -39.69
N TYR C 129 20.27 14.76 -39.09
CA TYR C 129 20.01 16.00 -39.81
C TYR C 129 20.96 16.16 -41.03
N GLU C 130 22.01 15.33 -41.04
CA GLU C 130 22.97 15.27 -42.12
C GLU C 130 22.51 14.44 -43.29
N ASP C 131 21.54 13.56 -43.07
CA ASP C 131 21.02 12.70 -44.11
C ASP C 131 20.35 13.59 -45.18
N LYS C 132 20.67 13.31 -46.44
CA LYS C 132 20.20 14.19 -47.55
C LYS C 132 18.69 14.01 -47.81
N ARG C 133 18.07 12.96 -47.22
CA ARG C 133 16.63 12.80 -47.29
C ARG C 133 15.82 13.72 -46.37
N VAL C 134 16.49 14.45 -45.45
CA VAL C 134 15.86 15.18 -44.39
C VAL C 134 15.60 16.63 -44.76
N ASN C 135 14.34 17.04 -44.70
CA ASN C 135 13.96 18.43 -44.95
C ASN C 135 13.33 19.05 -43.78
N VAL C 136 13.86 20.19 -43.39
CA VAL C 136 13.47 20.84 -42.12
C VAL C 136 12.59 22.07 -42.35
N PHE C 137 11.46 22.14 -41.66
CA PHE C 137 10.55 23.27 -41.72
C PHE C 137 10.36 23.79 -40.35
N ILE C 138 10.55 25.10 -40.21
CA ILE C 138 10.40 25.67 -38.94
C ILE C 138 9.03 26.39 -38.81
N GLU C 139 8.03 25.75 -38.19
CA GLU C 139 6.69 26.21 -38.25
C GLU C 139 5.89 25.46 -37.18
N ASP C 140 4.80 26.06 -36.75
CA ASP C 140 3.77 25.38 -35.94
C ASP C 140 3.16 24.28 -36.85
N ALA C 141 3.29 23.01 -36.46
CA ALA C 141 2.87 21.94 -37.37
C ALA C 141 1.35 22.01 -37.68
N SER C 142 0.64 22.65 -36.81
CA SER C 142 -0.80 22.92 -36.99
C SER C 142 -1.05 23.80 -38.25
N LYS C 143 -0.15 24.75 -38.50
CA LYS C 143 -0.16 25.61 -39.70
C LYS C 143 0.38 24.90 -40.89
N PHE C 144 1.51 24.19 -40.71
CA PHE C 144 2.14 23.43 -41.75
C PHE C 144 1.22 22.48 -42.45
N LEU C 145 0.40 21.76 -41.67
CA LEU C 145 -0.43 20.74 -42.26
C LEU C 145 -1.73 21.25 -42.89
N GLU C 146 -2.07 22.53 -42.73
CA GLU C 146 -3.24 23.15 -43.48
C GLU C 146 -2.98 22.92 -44.96
N ASN C 147 -3.90 22.50 -45.73
CA ASN C 147 -3.40 22.31 -47.15
C ASN C 147 -2.24 21.30 -47.51
N VAL C 148 -1.97 20.31 -46.66
CA VAL C 148 -1.17 19.15 -47.08
C VAL C 148 -2.19 17.99 -47.15
N THR C 149 -2.17 17.26 -48.25
CA THR C 149 -3.22 16.27 -48.53
C THR C 149 -2.56 15.12 -49.17
N ASN C 150 -2.89 13.91 -48.66
CA ASN C 150 -2.61 12.65 -49.36
C ASN C 150 -1.12 12.50 -49.71
N THR C 151 -0.26 12.86 -48.74
CA THR C 151 1.20 13.00 -48.90
C THR C 151 2.10 12.00 -48.15
N TYR C 152 1.78 11.78 -46.89
CA TYR C 152 2.67 10.98 -45.99
C TYR C 152 2.19 9.56 -45.76
N ASP C 153 3.12 8.60 -45.83
CA ASP C 153 2.82 7.26 -45.46
C ASP C 153 2.70 7.13 -43.89
N VAL C 154 3.56 7.85 -43.16
CA VAL C 154 3.59 7.83 -41.68
C VAL C 154 3.75 9.25 -41.21
N ILE C 155 2.99 9.60 -40.22
CA ILE C 155 3.21 10.86 -39.42
C ILE C 155 3.53 10.43 -37.96
N ILE C 156 4.64 10.97 -37.41
CA ILE C 156 5.06 10.67 -36.03
C ILE C 156 5.02 12.00 -35.31
N VAL C 157 4.22 12.10 -34.28
CA VAL C 157 3.99 13.37 -33.53
C VAL C 157 4.78 13.22 -32.24
N ASP C 158 6.01 13.70 -32.29
CA ASP C 158 6.88 13.73 -31.09
C ASP C 158 6.84 15.12 -30.48
N SER C 159 5.78 15.38 -29.74
CA SER C 159 5.53 16.64 -29.19
C SER C 159 6.05 16.75 -27.77
N SER C 160 6.16 17.98 -27.32
CA SER C 160 6.18 18.27 -25.92
C SER C 160 4.76 18.18 -25.37
N ASP C 161 4.61 18.47 -24.09
CA ASP C 161 3.31 18.45 -23.39
C ASP C 161 2.36 19.55 -23.84
N PRO C 162 1.06 19.40 -23.55
CA PRO C 162 0.08 20.35 -24.09
C PRO C 162 0.12 21.72 -23.47
N ILE C 163 0.86 21.90 -22.40
CA ILE C 163 1.16 23.22 -21.85
C ILE C 163 2.39 23.81 -22.52
N GLY C 164 2.16 24.83 -23.35
CA GLY C 164 3.24 25.43 -24.10
C GLY C 164 2.86 25.37 -25.60
N PRO C 165 3.83 25.45 -26.50
CA PRO C 165 3.46 25.51 -27.95
C PRO C 165 2.79 24.25 -28.48
N ALA C 166 2.90 23.13 -27.78
CA ALA C 166 2.27 21.91 -28.29
C ALA C 166 0.77 21.94 -28.08
N GLU C 167 0.24 22.99 -27.41
CA GLU C 167 -1.21 23.04 -27.18
C GLU C 167 -2.00 22.85 -28.47
N THR C 168 -1.51 23.34 -29.60
CA THR C 168 -2.22 23.28 -30.89
C THR C 168 -2.17 21.89 -31.52
N LEU C 169 -1.45 20.97 -30.90
CA LEU C 169 -1.36 19.53 -31.41
C LEU C 169 -2.24 18.58 -30.67
N PHE C 170 -2.91 19.05 -29.59
CA PHE C 170 -3.71 18.21 -28.73
C PHE C 170 -5.20 18.58 -28.86
N ASN C 171 -5.69 18.57 -30.07
CA ASN C 171 -7.10 18.91 -30.32
C ASN C 171 -7.61 18.26 -31.59
N GLN C 172 -8.91 18.28 -31.73
CA GLN C 172 -9.54 17.63 -32.84
C GLN C 172 -9.12 18.16 -34.17
N ASN C 173 -8.96 19.49 -34.25
CA ASN C 173 -8.55 20.17 -35.48
C ASN C 173 -7.23 19.60 -36.01
N PHE C 174 -6.26 19.38 -35.10
CA PHE C 174 -4.95 18.83 -35.49
C PHE C 174 -5.10 17.46 -36.09
N TYR C 175 -5.96 16.66 -35.50
CA TYR C 175 -6.13 15.29 -35.98
C TYR C 175 -6.83 15.26 -37.36
N GLU C 176 -7.73 16.22 -37.62
CA GLU C 176 -8.32 16.33 -39.00
C GLU C 176 -7.21 16.60 -40.00
N LYS C 177 -6.24 17.42 -39.61
CA LYS C 177 -5.17 17.73 -40.53
C LYS C 177 -4.24 16.54 -40.77
N ILE C 178 -3.95 15.78 -39.71
CA ILE C 178 -3.15 14.63 -39.79
C ILE C 178 -3.83 13.65 -40.75
N TYR C 179 -5.11 13.43 -40.50
CA TYR C 179 -5.85 12.43 -41.28
C TYR C 179 -5.82 12.79 -42.76
N ASN C 180 -6.07 14.06 -43.06
CA ASN C 180 -6.04 14.58 -44.48
C ASN C 180 -4.65 14.50 -45.13
N ALA C 181 -3.60 14.78 -44.36
CA ALA C 181 -2.26 14.73 -44.85
C ALA C 181 -1.69 13.32 -45.14
N LEU C 182 -2.24 12.31 -44.47
CA LEU C 182 -1.86 10.95 -44.68
C LEU C 182 -2.51 10.35 -45.96
N LYS C 183 -1.75 9.49 -46.58
CA LYS C 183 -2.23 8.64 -47.66
C LYS C 183 -3.40 7.81 -47.22
N PRO C 184 -4.10 7.18 -48.18
CA PRO C 184 -5.30 6.40 -47.79
C PRO C 184 -5.04 5.21 -46.84
N ASN C 185 -3.90 4.54 -46.91
CA ASN C 185 -3.47 3.58 -45.89
C ASN C 185 -2.34 4.08 -44.96
N GLY C 186 -2.32 5.35 -44.65
CA GLY C 186 -1.22 5.95 -43.86
C GLY C 186 -1.51 5.69 -42.34
N TYR C 187 -0.48 5.82 -41.54
CA TYR C 187 -0.57 5.69 -40.10
C TYR C 187 -0.03 6.91 -39.40
N CYS C 188 -0.60 7.20 -38.23
CA CYS C 188 -0.05 8.22 -37.36
C CYS C 188 0.17 7.63 -35.96
N VAL C 189 1.30 7.98 -35.35
CA VAL C 189 1.48 7.73 -33.91
C VAL C 189 1.82 9.07 -33.27
N ALA C 190 1.41 9.21 -32.02
CA ALA C 190 1.52 10.51 -31.34
C ALA C 190 1.85 10.26 -29.84
N GLN C 191 2.77 11.04 -29.28
CA GLN C 191 3.03 10.95 -27.88
C GLN C 191 1.73 11.28 -27.10
N CYS C 192 1.39 10.44 -26.15
CA CYS C 192 0.09 10.54 -25.51
C CYS C 192 0.13 10.14 -24.04
N GLU C 193 1.12 10.70 -23.37
CA GLU C 193 1.13 10.89 -21.94
C GLU C 193 1.12 9.63 -21.06
N SER C 194 0.97 9.74 -19.75
CA SER C 194 1.20 8.60 -18.88
C SER C 194 -0.16 8.03 -18.44
N LEU C 195 -0.30 6.70 -18.55
CA LEU C 195 -1.53 6.13 -18.10
C LEU C 195 -1.82 6.13 -16.56
N TRP C 196 -0.82 6.53 -15.76
CA TRP C 196 -0.93 6.58 -14.34
C TRP C 196 -1.54 7.88 -13.89
N ILE C 197 -1.49 8.91 -14.69
CA ILE C 197 -1.98 10.23 -14.24
C ILE C 197 -2.71 11.06 -15.29
N HIS C 198 -2.73 10.62 -16.56
CA HIS C 198 -3.26 11.43 -17.62
C HIS C 198 -4.41 10.76 -18.34
N VAL C 199 -5.15 9.96 -17.62
CA VAL C 199 -6.27 9.26 -18.26
C VAL C 199 -7.23 10.20 -18.98
N GLY C 200 -7.51 11.35 -18.37
CA GLY C 200 -8.29 12.41 -19.00
C GLY C 200 -7.84 12.82 -20.37
N THR C 201 -6.53 13.09 -20.50
CA THR C 201 -5.97 13.43 -21.80
C THR C 201 -5.98 12.28 -22.75
N ILE C 202 -5.67 11.10 -22.25
CA ILE C 202 -5.62 9.91 -23.06
C ILE C 202 -7.05 9.63 -23.70
N LYS C 203 -8.05 9.76 -22.88
CA LYS C 203 -9.47 9.63 -23.34
C LYS C 203 -9.83 10.71 -24.34
N ASN C 204 -9.45 11.95 -24.11
CA ASN C 204 -9.74 13.02 -25.08
C ASN C 204 -9.08 12.72 -26.40
N MET C 205 -7.80 12.27 -26.37
CA MET C 205 -7.05 12.13 -27.58
C MET C 205 -7.57 10.97 -28.42
N ILE C 206 -7.83 9.86 -27.75
CA ILE C 206 -8.34 8.67 -28.43
C ILE C 206 -9.70 9.10 -29.05
N GLY C 207 -10.51 9.85 -28.34
CA GLY C 207 -11.83 10.26 -28.88
C GLY C 207 -11.72 11.09 -30.15
N TYR C 208 -10.74 12.02 -30.20
CA TYR C 208 -10.49 12.82 -31.40
C TYR C 208 -10.03 11.94 -32.53
N ALA C 209 -9.21 10.96 -32.22
CA ALA C 209 -8.69 10.14 -33.27
C ALA C 209 -9.82 9.22 -33.82
N LYS C 210 -10.67 8.75 -32.91
CA LYS C 210 -11.76 7.81 -33.29
C LYS C 210 -12.80 8.49 -34.16
N LYS C 211 -12.91 9.80 -34.15
CA LYS C 211 -13.86 10.45 -35.04
C LYS C 211 -13.44 10.35 -36.47
N LEU C 212 -12.17 10.09 -36.73
CA LEU C 212 -11.59 10.02 -38.09
C LEU C 212 -11.06 8.68 -38.50
N PHE C 213 -10.28 8.01 -37.65
CA PHE C 213 -9.58 6.80 -38.03
C PHE C 213 -10.41 5.56 -37.67
N LYS C 214 -10.34 4.58 -38.53
CA LYS C 214 -11.09 3.30 -38.35
C LYS C 214 -10.54 2.48 -37.20
N LYS C 215 -9.26 2.60 -36.87
CA LYS C 215 -8.70 1.75 -35.78
C LYS C 215 -7.72 2.62 -34.93
N VAL C 216 -8.01 2.74 -33.65
CA VAL C 216 -7.23 3.62 -32.77
C VAL C 216 -6.82 2.75 -31.57
N GLU C 217 -5.52 2.68 -31.29
CA GLU C 217 -4.94 1.77 -30.26
C GLU C 217 -3.97 2.64 -29.45
N TYR C 218 -3.57 2.11 -28.31
CA TYR C 218 -2.73 2.80 -27.33
C TYR C 218 -1.67 1.81 -26.88
N ALA C 219 -0.39 2.22 -26.90
CA ALA C 219 0.71 1.37 -26.47
C ALA C 219 1.53 2.15 -25.40
N ASN C 220 2.13 1.41 -24.51
CA ASN C 220 2.91 1.97 -23.36
C ASN C 220 4.38 1.64 -23.54
N ILE C 221 5.20 2.59 -23.17
CA ILE C 221 6.68 2.47 -23.23
C ILE C 221 7.24 2.73 -21.80
N SER C 222 8.15 1.89 -21.33
CA SER C 222 8.88 2.07 -20.06
C SER C 222 10.06 3.01 -20.28
N ILE C 223 10.03 4.12 -19.56
CA ILE C 223 11.06 5.12 -19.62
C ILE C 223 11.14 5.87 -18.33
N PRO C 224 12.27 5.78 -17.64
CA PRO C 224 12.23 6.27 -16.24
C PRO C 224 12.21 7.77 -16.02
N THR C 225 12.65 8.54 -17.01
CA THR C 225 12.80 10.00 -16.85
C THR C 225 11.64 10.76 -17.37
N TYR C 226 10.52 10.08 -17.71
CA TYR C 226 9.24 10.77 -17.88
C TYR C 226 8.30 10.39 -16.68
N PRO C 227 7.46 11.33 -16.28
CA PRO C 227 6.67 11.28 -15.05
C PRO C 227 5.91 9.92 -14.99
N CYS C 228 6.05 9.22 -13.87
CA CYS C 228 5.43 7.88 -13.65
C CYS C 228 6.19 6.78 -14.31
N GLY C 229 7.32 7.13 -15.03
CA GLY C 229 8.17 6.11 -15.57
C GLY C 229 7.67 5.45 -16.83
N CYS C 230 6.69 6.07 -17.47
CA CYS C 230 6.10 5.56 -18.71
C CYS C 230 5.46 6.64 -19.51
N ILE C 231 5.34 6.38 -20.82
CA ILE C 231 4.62 7.26 -21.67
C ILE C 231 3.94 6.41 -22.74
N GLY C 232 2.81 6.90 -23.17
CA GLY C 232 2.03 6.17 -24.24
C GLY C 232 2.15 6.73 -25.61
N ILE C 233 1.78 5.85 -26.54
CA ILE C 233 1.71 6.10 -27.97
C ILE C 233 0.30 5.99 -28.45
N LEU C 234 -0.33 7.09 -28.91
CA LEU C 234 -1.68 7.01 -29.54
C LEU C 234 -1.40 6.49 -31.00
N CYS C 235 -2.03 5.35 -31.39
CA CYS C 235 -1.74 4.65 -32.61
C CYS C 235 -2.95 4.72 -33.52
N CYS C 236 -2.81 5.39 -34.64
CA CYS C 236 -4.00 5.73 -35.50
C CYS C 236 -3.83 5.08 -36.88
N SER C 237 -4.80 4.25 -37.30
CA SER C 237 -4.74 3.55 -38.55
C SER C 237 -6.03 3.74 -39.36
N LYS C 238 -5.86 3.87 -40.68
CA LYS C 238 -7.03 4.01 -41.60
C LYS C 238 -7.54 2.60 -42.05
N THR C 239 -6.76 1.57 -41.82
CA THR C 239 -7.20 0.19 -42.03
C THR C 239 -7.61 -0.52 -40.73
N ASP C 240 -8.48 -1.53 -40.83
CA ASP C 240 -8.90 -2.23 -39.60
C ASP C 240 -7.85 -3.13 -38.93
N THR C 241 -6.78 -3.46 -39.62
CA THR C 241 -5.75 -4.33 -39.09
C THR C 241 -4.86 -3.64 -37.94
N GLY C 242 -4.91 -2.33 -37.96
CA GLY C 242 -4.20 -1.48 -37.01
C GLY C 242 -2.70 -1.64 -36.91
N LEU C 243 -2.16 -1.27 -35.71
CA LEU C 243 -0.72 -1.17 -35.51
C LEU C 243 0.00 -2.18 -34.56
N THR C 244 -0.67 -3.22 -34.10
CA THR C 244 -0.15 -4.13 -33.06
C THR C 244 0.70 -5.26 -33.58
N LYS C 245 0.65 -5.50 -34.87
CA LYS C 245 1.42 -6.60 -35.48
C LYS C 245 2.29 -6.12 -36.61
N PRO C 246 3.61 -6.18 -36.40
CA PRO C 246 4.47 -5.87 -37.46
C PRO C 246 4.42 -6.76 -38.69
N ASN C 247 4.67 -6.15 -39.80
CA ASN C 247 4.74 -6.82 -41.12
C ASN C 247 6.15 -6.99 -41.57
N LYS C 248 7.12 -6.65 -40.73
CA LYS C 248 8.55 -6.81 -41.04
C LYS C 248 9.31 -6.93 -39.70
N LYS C 249 10.52 -7.48 -39.75
CA LYS C 249 11.43 -7.52 -38.61
C LYS C 249 12.65 -6.71 -38.90
N LEU C 250 13.21 -6.14 -37.84
CA LEU C 250 14.37 -5.27 -37.91
C LEU C 250 15.59 -6.07 -37.55
N GLU C 251 16.14 -6.78 -38.56
CA GLU C 251 17.20 -7.79 -38.27
C GLU C 251 18.50 -7.48 -39.02
N SER C 252 18.44 -6.57 -40.01
CA SER C 252 19.60 -6.19 -40.81
C SER C 252 20.56 -5.34 -40.04
N LYS C 253 21.76 -5.16 -40.61
CA LYS C 253 22.86 -4.38 -39.98
C LYS C 253 22.48 -3.02 -39.48
N GLU C 254 21.63 -2.33 -40.24
CA GLU C 254 21.22 -0.97 -39.91
C GLU C 254 20.48 -0.92 -38.54
N PHE C 255 19.90 -2.04 -38.14
CA PHE C 255 19.19 -2.17 -36.90
C PHE C 255 19.93 -2.91 -35.79
N ALA C 256 21.24 -3.06 -35.97
CA ALA C 256 22.01 -3.85 -34.98
C ALA C 256 22.08 -3.12 -33.64
N ASP C 257 22.00 -1.81 -33.67
CA ASP C 257 22.18 -1.06 -32.47
C ASP C 257 20.88 -0.92 -31.61
N LEU C 258 19.77 -1.58 -31.95
CA LEU C 258 18.51 -1.29 -31.21
C LEU C 258 18.67 -1.78 -29.76
N LYS C 259 18.25 -0.94 -28.81
CA LYS C 259 18.35 -1.22 -27.37
C LYS C 259 17.02 -1.50 -26.65
N TYR C 260 15.89 -1.24 -27.31
CA TYR C 260 14.56 -1.48 -26.71
C TYR C 260 13.71 -2.34 -27.63
N TYR C 261 13.42 -1.73 -28.79
CA TYR C 261 12.44 -2.37 -29.73
C TYR C 261 12.91 -3.75 -30.20
N ASN C 262 11.95 -4.68 -30.27
CA ASN C 262 12.05 -5.92 -31.07
C ASN C 262 10.65 -6.33 -31.44
N TYR C 263 10.53 -7.43 -32.18
CA TYR C 263 9.28 -7.89 -32.69
C TYR C 263 8.24 -8.29 -31.65
N GLU C 264 8.66 -8.98 -30.58
CA GLU C 264 7.73 -9.33 -29.50
C GLU C 264 7.36 -8.11 -28.69
N ASN C 265 8.33 -7.29 -28.41
CA ASN C 265 8.01 -6.06 -27.63
C ASN C 265 7.04 -5.06 -28.27
N HIS C 266 7.06 -5.02 -29.58
CA HIS C 266 6.09 -4.28 -30.36
C HIS C 266 4.67 -4.66 -29.90
N SER C 267 4.30 -5.92 -30.05
CA SER C 267 2.98 -6.35 -29.65
C SER C 267 2.70 -6.28 -28.15
N ALA C 268 3.68 -6.45 -27.33
CA ALA C 268 3.52 -6.48 -25.89
C ALA C 268 3.19 -5.11 -25.38
N ALA C 269 3.71 -4.05 -26.05
CA ALA C 269 3.41 -2.69 -25.70
C ALA C 269 1.93 -2.31 -25.67
N PHE C 270 1.15 -3.07 -26.42
CA PHE C 270 -0.25 -2.81 -26.53
C PHE C 270 -1.09 -3.62 -25.57
N LYS C 271 -0.48 -4.40 -24.72
CA LYS C 271 -1.20 -5.16 -23.68
C LYS C 271 -1.24 -4.36 -22.38
N LEU C 272 -2.32 -3.68 -22.22
CA LEU C 272 -2.46 -2.55 -21.25
C LEU C 272 -3.02 -3.06 -19.92
N PRO C 273 -2.75 -2.31 -18.82
CA PRO C 273 -3.38 -2.67 -17.52
C PRO C 273 -4.86 -2.67 -17.58
N ALA C 274 -5.45 -3.53 -16.79
CA ALA C 274 -6.91 -3.76 -16.83
C ALA C 274 -7.70 -2.43 -16.61
N PHE C 275 -7.22 -1.56 -15.70
CA PHE C 275 -8.01 -0.39 -15.41
C PHE C 275 -8.07 0.56 -16.61
N LEU C 276 -6.97 0.61 -17.36
CA LEU C 276 -6.89 1.47 -18.52
C LEU C 276 -7.84 0.95 -19.60
N LEU C 277 -7.85 -0.34 -19.81
CA LEU C 277 -8.82 -0.89 -20.76
C LEU C 277 -10.25 -0.51 -20.41
N LYS C 278 -10.62 -0.56 -19.13
CA LYS C 278 -11.97 -0.18 -18.70
C LYS C 278 -12.26 1.29 -18.98
N GLU C 279 -11.24 2.15 -18.80
CA GLU C 279 -11.43 3.57 -19.08
C GLU C 279 -11.60 3.82 -20.58
N ILE C 280 -10.84 3.15 -21.42
CA ILE C 280 -10.91 3.33 -22.88
C ILE C 280 -12.28 2.80 -23.41
N GLU C 281 -12.84 1.84 -22.70
CA GLU C 281 -14.24 1.40 -23.04
C GLU C 281 -15.29 2.52 -22.81
N ASN C 282 -14.97 3.52 -21.96
CA ASN C 282 -15.85 4.59 -21.64
C ASN C 282 -15.58 5.87 -22.44
N ILE C 283 -14.92 5.78 -23.56
CA ILE C 283 -14.71 6.91 -24.47
C ILE C 283 -15.77 7.20 -25.53
#